data_6E9W
#
_entry.id   6E9W
#
_cell.length_a   180.632
_cell.length_b   180.632
_cell.length_c   90.294
_cell.angle_alpha   90.000
_cell.angle_beta   90.000
_cell.angle_gamma   120.000
#
_symmetry.space_group_name_H-M   'P 31 2 1'
#
loop_
_entity.id
_entity.type
_entity.pdbx_description
1 polymer 'Rho-associated protein kinase 1'
2 non-polymer N-[(2,3-dihydro-1,4-benzodioxin-5-yl)methyl]-4-(pyridin-4-yl)benzamide
3 non-polymer 'SULFATE ION'
4 water water
#
_entity_poly.entity_id   1
_entity_poly.type   'polypeptide(L)'
_entity_poly.pdbx_seq_one_letter_code
;MSYYHHHHHHDYDIPTTENLYFQGAMDPLVPRGSFETRFEKMDNLLRDPKSEVNSDCLLDGLDALVYDLDFPALRKNKNI
DNFLSRYKDTINKIRDLRMKAEDYEVVKVIGRGAFGEVQLVRHKSTRKVYAMKLLSKFEMIKRSDSAFFWEERDIMAFAN
SPWVVQLFYAFQDDRYLYMVMEYMPGGDLVNLMSNYDVPEKWARFYTAEVVLALDAIHSMGFIHRDVKPDNMLLDKSGHL
KLADFGTCMKMNKEGMVRCDTAVGTPDYISPEVLKSQGGDGYYGRECDWWSVGVFLYEMLVGDTPFYADSLVGTYSKIMN
HKNSLTFPDDNDISKEAKNLICAFLTDREVRLGRNGVEEIKRHLFFKNDQWAWETLRDTVAPVVPDLSSDIDTSNFDDLE
EDKGEEETFPIPKAFVGNQLPFVGFTYYSNRRYLSSANPNDNR
;
_entity_poly.pdbx_strand_id   A,B
#
loop_
_chem_comp.id
_chem_comp.type
_chem_comp.name
_chem_comp.formula
J0P non-polymer N-[(2,3-dihydro-1,4-benzodioxin-5-yl)methyl]-4-(pyridin-4-yl)benzamide 'C21 H18 N2 O3'
SO4 non-polymer 'SULFATE ION' 'O4 S -2'
#
# COMPACT_ATOMS: atom_id res chain seq x y z
N THR A 37 -21.13 -36.62 -46.05
CA THR A 37 -19.89 -36.75 -45.28
C THR A 37 -19.69 -35.50 -44.36
N ARG A 38 -20.73 -35.19 -43.55
CA ARG A 38 -20.76 -34.09 -42.58
C ARG A 38 -20.41 -34.62 -41.16
N PHE A 39 -19.19 -35.15 -41.03
CA PHE A 39 -18.56 -35.64 -39.81
C PHE A 39 -17.91 -34.41 -39.14
N GLU A 40 -17.91 -33.28 -39.86
CA GLU A 40 -17.39 -31.99 -39.40
C GLU A 40 -18.19 -31.48 -38.21
N LYS A 41 -19.55 -31.55 -38.28
CA LYS A 41 -20.44 -31.15 -37.19
C LYS A 41 -20.06 -31.87 -35.89
N MET A 42 -19.70 -33.16 -36.00
CA MET A 42 -19.27 -34.00 -34.89
C MET A 42 -18.12 -33.39 -34.12
N ASP A 43 -17.00 -33.08 -34.79
CA ASP A 43 -15.79 -32.48 -34.19
C ASP A 43 -16.07 -31.16 -33.49
N ASN A 44 -17.02 -30.34 -34.02
CA ASN A 44 -17.43 -29.06 -33.46
C ASN A 44 -18.07 -29.30 -32.09
N LEU A 45 -19.02 -30.22 -32.04
CA LEU A 45 -19.68 -30.66 -30.82
C LEU A 45 -18.65 -31.25 -29.83
N LEU A 46 -17.46 -31.64 -30.33
CA LEU A 46 -16.43 -32.26 -29.52
C LEU A 46 -15.34 -31.32 -29.15
N ARG A 47 -15.31 -30.12 -29.78
CA ARG A 47 -14.25 -29.16 -29.52
C ARG A 47 -14.76 -27.84 -28.95
N ASP A 48 -16.06 -27.51 -29.13
CA ASP A 48 -16.64 -26.28 -28.59
C ASP A 48 -16.59 -26.28 -27.05
N PRO A 49 -15.90 -25.29 -26.44
CA PRO A 49 -15.78 -25.25 -24.97
C PRO A 49 -17.09 -25.02 -24.23
N LYS A 50 -18.18 -24.75 -24.94
CA LYS A 50 -19.49 -24.52 -24.36
C LYS A 50 -20.42 -25.70 -24.66
N SER A 51 -19.97 -26.62 -25.54
CA SER A 51 -20.73 -27.81 -25.92
C SER A 51 -20.96 -28.70 -24.71
N GLU A 52 -22.14 -29.33 -24.67
CA GLU A 52 -22.53 -30.20 -23.57
C GLU A 52 -21.79 -31.53 -23.57
N VAL A 53 -21.15 -31.94 -24.71
CA VAL A 53 -20.43 -33.23 -24.81
C VAL A 53 -19.07 -33.13 -25.53
N ASN A 54 -18.24 -32.16 -25.15
CA ASN A 54 -16.90 -31.99 -25.70
C ASN A 54 -15.93 -33.03 -25.11
N SER A 55 -14.64 -33.01 -25.54
CA SER A 55 -13.62 -33.95 -25.06
C SER A 55 -13.54 -33.98 -23.53
N ASP A 56 -13.67 -32.80 -22.87
CA ASP A 56 -13.64 -32.70 -21.41
C ASP A 56 -14.76 -33.51 -20.85
N CYS A 57 -15.98 -33.28 -21.32
CA CYS A 57 -17.15 -34.02 -20.88
C CYS A 57 -17.05 -35.55 -21.17
N LEU A 58 -16.50 -35.93 -22.35
CA LEU A 58 -16.27 -37.33 -22.73
C LEU A 58 -15.27 -37.99 -21.75
N LEU A 59 -14.06 -37.39 -21.60
CA LEU A 59 -13.05 -37.89 -20.66
C LEU A 59 -13.60 -37.99 -19.24
N ASP A 60 -14.48 -37.04 -18.82
CA ASP A 60 -15.12 -37.04 -17.50
C ASP A 60 -16.03 -38.25 -17.36
N GLY A 61 -16.81 -38.56 -18.41
CA GLY A 61 -17.75 -39.68 -18.48
C GLY A 61 -17.08 -41.02 -18.17
N LEU A 62 -15.90 -41.26 -18.80
CA LEU A 62 -15.13 -42.49 -18.61
C LEU A 62 -14.59 -42.54 -17.20
N ASP A 63 -13.98 -41.43 -16.76
CA ASP A 63 -13.41 -41.24 -15.43
C ASP A 63 -14.46 -41.57 -14.36
N ALA A 64 -15.69 -41.01 -14.49
CA ALA A 64 -16.84 -41.25 -13.60
C ALA A 64 -17.20 -42.74 -13.58
N LEU A 65 -17.37 -43.35 -14.80
CA LEU A 65 -17.68 -44.76 -14.99
C LEU A 65 -16.67 -45.65 -14.26
N VAL A 66 -15.38 -45.51 -14.53
CA VAL A 66 -14.35 -46.29 -13.83
C VAL A 66 -14.38 -46.06 -12.28
N TYR A 67 -14.81 -44.86 -11.83
CA TYR A 67 -14.89 -44.56 -10.38
C TYR A 67 -16.08 -45.30 -9.75
N ASP A 68 -17.24 -45.21 -10.40
CA ASP A 68 -18.50 -45.83 -9.96
C ASP A 68 -18.64 -47.34 -10.24
N LEU A 69 -17.53 -48.04 -10.55
CA LEU A 69 -17.56 -49.48 -10.81
C LEU A 69 -16.52 -50.23 -9.96
N ASP A 70 -15.31 -49.63 -9.74
CA ASP A 70 -14.21 -50.27 -9.02
C ASP A 70 -14.47 -50.45 -7.52
N PHE A 71 -15.40 -51.36 -7.19
CA PHE A 71 -15.82 -51.79 -5.86
C PHE A 71 -15.96 -53.31 -5.85
N PRO A 72 -15.21 -54.03 -4.96
CA PRO A 72 -15.27 -55.51 -4.96
C PRO A 72 -16.66 -56.11 -5.08
N ALA A 73 -17.66 -55.48 -4.45
CA ALA A 73 -19.07 -55.92 -4.51
C ALA A 73 -19.66 -55.89 -5.93
N LEU A 74 -19.36 -54.83 -6.71
CA LEU A 74 -19.83 -54.67 -8.08
C LEU A 74 -19.01 -55.51 -9.05
N ARG A 75 -17.70 -55.68 -8.75
CA ARG A 75 -16.73 -56.45 -9.53
C ARG A 75 -17.07 -57.97 -9.57
N LYS A 76 -18.16 -58.36 -8.86
CA LYS A 76 -18.75 -59.70 -8.85
C LYS A 76 -19.56 -59.90 -10.18
N ASN A 77 -19.70 -58.80 -10.98
CA ASN A 77 -20.33 -58.81 -12.29
C ASN A 77 -19.23 -58.98 -13.31
N LYS A 78 -19.43 -59.95 -14.20
CA LYS A 78 -18.50 -60.32 -15.27
C LYS A 78 -18.33 -59.16 -16.28
N ASN A 79 -19.46 -58.56 -16.70
CA ASN A 79 -19.49 -57.40 -17.60
C ASN A 79 -18.70 -56.21 -17.01
N ILE A 80 -18.90 -55.96 -15.69
CA ILE A 80 -18.24 -54.89 -14.95
C ILE A 80 -16.76 -55.18 -14.75
N ASP A 81 -16.39 -56.40 -14.36
CA ASP A 81 -15.00 -56.79 -14.09
C ASP A 81 -14.09 -56.67 -15.31
N ASN A 82 -14.57 -57.15 -16.47
CA ASN A 82 -13.81 -57.21 -17.72
C ASN A 82 -13.45 -55.85 -18.24
N PHE A 83 -14.47 -55.00 -18.43
CA PHE A 83 -14.35 -53.62 -18.86
C PHE A 83 -13.28 -52.98 -18.00
N LEU A 84 -13.47 -53.02 -16.65
CA LEU A 84 -12.54 -52.48 -15.67
C LEU A 84 -11.11 -52.95 -15.88
N SER A 85 -10.91 -54.26 -16.07
CA SER A 85 -9.55 -54.78 -16.27
C SER A 85 -8.95 -54.35 -17.62
N ARG A 86 -9.79 -54.29 -18.68
CA ARG A 86 -9.42 -53.87 -20.02
C ARG A 86 -9.04 -52.36 -20.07
N TYR A 87 -9.78 -51.52 -19.32
CA TYR A 87 -9.57 -50.08 -19.24
C TYR A 87 -8.69 -49.62 -18.06
N LYS A 88 -8.21 -50.56 -17.23
CA LYS A 88 -7.38 -50.31 -16.04
C LYS A 88 -6.17 -49.44 -16.39
N ASP A 89 -5.29 -49.95 -17.26
CA ASP A 89 -4.07 -49.28 -17.69
C ASP A 89 -4.26 -47.85 -18.28
N THR A 90 -5.19 -47.69 -19.26
CA THR A 90 -5.41 -46.38 -19.88
C THR A 90 -6.03 -45.39 -18.92
N ILE A 91 -6.97 -45.82 -18.04
CA ILE A 91 -7.56 -44.87 -17.09
C ILE A 91 -6.46 -44.31 -16.18
N ASN A 92 -5.47 -45.12 -15.83
CA ASN A 92 -4.35 -44.65 -15.02
C ASN A 92 -3.46 -43.68 -15.82
N LYS A 93 -3.27 -43.94 -17.13
CA LYS A 93 -2.47 -43.09 -18.03
C LYS A 93 -3.10 -41.69 -18.03
N ILE A 94 -4.40 -41.65 -18.32
CA ILE A 94 -5.29 -40.51 -18.44
C ILE A 94 -5.36 -39.74 -17.15
N ARG A 95 -5.58 -40.42 -15.99
CA ARG A 95 -5.70 -39.77 -14.67
C ARG A 95 -4.45 -38.97 -14.32
N ASP A 96 -3.29 -39.54 -14.59
CA ASP A 96 -2.00 -38.90 -14.38
C ASP A 96 -1.68 -37.87 -15.48
N LEU A 97 -2.24 -38.03 -16.69
CA LEU A 97 -1.96 -37.06 -17.75
C LEU A 97 -2.84 -35.83 -17.58
N ARG A 98 -4.09 -36.03 -17.15
CA ARG A 98 -4.99 -34.92 -16.94
C ARG A 98 -4.61 -34.20 -15.64
N MET A 99 -5.21 -33.01 -15.40
CA MET A 99 -4.94 -32.20 -14.22
C MET A 99 -5.50 -32.89 -13.00
N LYS A 100 -4.75 -32.83 -11.89
CA LYS A 100 -5.11 -33.40 -10.60
C LYS A 100 -4.51 -32.54 -9.48
N ALA A 101 -5.00 -32.72 -8.24
CA ALA A 101 -4.55 -31.96 -7.09
C ALA A 101 -3.04 -32.02 -6.85
N GLU A 102 -2.42 -33.21 -7.00
CA GLU A 102 -0.99 -33.41 -6.77
C GLU A 102 -0.08 -32.66 -7.80
N ASP A 103 -0.69 -31.92 -8.76
CA ASP A 103 0.05 -31.08 -9.71
C ASP A 103 0.29 -29.70 -9.03
N TYR A 104 -0.48 -29.42 -7.96
CA TYR A 104 -0.40 -28.19 -7.20
C TYR A 104 0.16 -28.35 -5.81
N GLU A 105 1.11 -27.46 -5.49
CA GLU A 105 1.73 -27.28 -4.18
C GLU A 105 0.78 -26.33 -3.41
N VAL A 106 0.18 -26.80 -2.30
CA VAL A 106 -0.73 -25.95 -1.52
C VAL A 106 0.10 -25.12 -0.48
N VAL A 107 0.08 -23.80 -0.66
CA VAL A 107 0.82 -22.82 0.14
C VAL A 107 0.15 -22.59 1.48
N LYS A 108 -1.16 -22.24 1.50
CA LYS A 108 -1.91 -21.95 2.73
C LYS A 108 -3.40 -21.98 2.41
N VAL A 109 -4.27 -22.17 3.43
CA VAL A 109 -5.73 -22.15 3.28
C VAL A 109 -6.16 -20.71 3.56
N ILE A 110 -6.57 -20.00 2.50
CA ILE A 110 -6.93 -18.59 2.58
C ILE A 110 -8.42 -18.37 2.43
N GLY A 111 -9.19 -19.23 3.06
CA GLY A 111 -10.65 -19.15 2.98
C GLY A 111 -11.34 -20.48 3.27
N ARG A 112 -12.54 -20.38 3.85
CA ARG A 112 -13.36 -21.54 4.22
C ARG A 112 -14.81 -21.32 3.88
N GLY A 113 -15.48 -22.40 3.56
CA GLY A 113 -16.85 -22.35 3.11
C GLY A 113 -17.64 -23.59 3.46
N ALA A 114 -18.97 -23.45 3.35
CA ALA A 114 -19.95 -24.49 3.65
C ALA A 114 -19.56 -25.89 3.19
N PHE A 115 -18.99 -26.02 1.96
CA PHE A 115 -18.65 -27.33 1.41
C PHE A 115 -17.19 -27.54 1.10
N GLY A 116 -16.34 -26.59 1.44
CA GLY A 116 -14.92 -26.73 1.18
C GLY A 116 -14.07 -25.57 1.66
N GLU A 117 -12.97 -25.32 0.97
CA GLU A 117 -12.00 -24.29 1.28
C GLU A 117 -11.34 -23.72 0.03
N VAL A 118 -10.74 -22.52 0.16
CA VAL A 118 -10.01 -21.85 -0.91
C VAL A 118 -8.57 -21.90 -0.48
N GLN A 119 -7.72 -22.54 -1.28
CA GLN A 119 -6.33 -22.61 -0.91
C GLN A 119 -5.43 -21.89 -1.86
N LEU A 120 -4.43 -21.19 -1.34
CA LEU A 120 -3.47 -20.52 -2.20
C LEU A 120 -2.54 -21.62 -2.65
N VAL A 121 -2.44 -21.79 -3.96
CA VAL A 121 -1.63 -22.85 -4.55
C VAL A 121 -0.64 -22.31 -5.59
N ARG A 122 0.36 -23.13 -5.85
CA ARG A 122 1.43 -22.89 -6.79
C ARG A 122 1.48 -24.16 -7.66
N HIS A 123 1.41 -24.00 -8.98
CA HIS A 123 1.47 -25.09 -9.94
C HIS A 123 2.92 -25.54 -10.07
N LYS A 124 3.25 -26.72 -9.53
CA LYS A 124 4.60 -27.30 -9.47
C LYS A 124 5.42 -27.18 -10.76
N SER A 125 4.77 -27.42 -11.91
CA SER A 125 5.43 -27.36 -13.21
C SER A 125 5.56 -25.95 -13.75
N THR A 126 4.42 -25.23 -13.82
CA THR A 126 4.30 -23.93 -14.47
C THR A 126 4.74 -22.78 -13.55
N ARG A 127 4.97 -23.08 -12.25
CA ARG A 127 5.40 -22.20 -11.16
C ARG A 127 4.39 -21.06 -10.85
N LYS A 128 3.31 -20.94 -11.68
CA LYS A 128 2.28 -19.92 -11.54
C LYS A 128 1.45 -20.08 -10.25
N VAL A 129 0.92 -18.93 -9.75
CA VAL A 129 0.13 -18.82 -8.51
C VAL A 129 -1.35 -18.61 -8.81
N TYR A 130 -2.21 -19.32 -8.06
CA TYR A 130 -3.67 -19.24 -8.18
C TYR A 130 -4.31 -19.54 -6.85
N ALA A 131 -5.58 -19.15 -6.71
CA ALA A 131 -6.43 -19.50 -5.59
C ALA A 131 -7.23 -20.66 -6.15
N MET A 132 -7.26 -21.77 -5.45
CA MET A 132 -7.99 -22.94 -5.88
C MET A 132 -9.15 -23.15 -4.92
N LYS A 133 -10.39 -23.11 -5.41
CA LYS A 133 -11.53 -23.43 -4.56
C LYS A 133 -11.80 -24.97 -4.62
N LEU A 134 -12.02 -25.62 -3.47
CA LEU A 134 -12.37 -27.03 -3.40
C LEU A 134 -13.81 -27.19 -2.94
N LEU A 135 -14.53 -28.11 -3.55
CA LEU A 135 -15.88 -28.44 -3.14
C LEU A 135 -15.98 -29.99 -2.91
N SER A 136 -16.54 -30.43 -1.76
CA SER A 136 -16.72 -31.85 -1.43
C SER A 136 -18.00 -32.35 -2.06
N LYS A 137 -17.85 -33.39 -2.90
CA LYS A 137 -18.97 -33.99 -3.62
C LYS A 137 -19.99 -34.58 -2.64
N PHE A 138 -19.46 -35.30 -1.61
CA PHE A 138 -20.24 -35.93 -0.54
C PHE A 138 -21.09 -34.90 0.24
N GLU A 139 -20.42 -33.83 0.77
CA GLU A 139 -21.01 -32.72 1.51
C GLU A 139 -22.15 -32.11 0.70
N MET A 140 -21.88 -31.68 -0.55
CA MET A 140 -22.85 -31.06 -1.48
C MET A 140 -24.02 -31.99 -1.77
N ILE A 141 -23.74 -33.30 -1.91
CA ILE A 141 -24.78 -34.31 -2.12
C ILE A 141 -25.68 -34.33 -0.88
N LYS A 142 -25.07 -34.45 0.31
CA LYS A 142 -25.75 -34.47 1.61
C LYS A 142 -26.53 -33.19 1.97
N ARG A 143 -25.89 -31.99 1.90
CA ARG A 143 -26.50 -30.74 2.34
C ARG A 143 -26.93 -29.66 1.29
N SER A 144 -26.24 -29.52 0.12
CA SER A 144 -26.62 -28.45 -0.83
C SER A 144 -28.01 -28.66 -1.42
N ASP A 145 -28.77 -27.58 -1.60
CA ASP A 145 -30.12 -27.65 -2.15
C ASP A 145 -30.17 -27.26 -3.64
N SER A 146 -28.99 -27.10 -4.27
CA SER A 146 -28.82 -26.72 -5.69
C SER A 146 -27.47 -27.19 -6.25
N ALA A 147 -27.36 -27.21 -7.60
CA ALA A 147 -26.15 -27.52 -8.36
C ALA A 147 -25.46 -26.13 -8.69
N PHE A 148 -25.14 -25.37 -7.62
CA PHE A 148 -24.61 -24.01 -7.68
C PHE A 148 -23.32 -23.84 -8.47
N PHE A 149 -22.47 -24.88 -8.43
CA PHE A 149 -21.14 -24.88 -9.01
C PHE A 149 -21.13 -24.70 -10.53
N TRP A 150 -22.20 -25.11 -11.24
CA TRP A 150 -22.26 -24.99 -12.70
C TRP A 150 -22.23 -23.52 -13.15
N GLU A 151 -23.23 -22.68 -12.74
CA GLU A 151 -23.23 -21.25 -13.15
C GLU A 151 -22.00 -20.48 -12.59
N GLU A 152 -21.47 -20.89 -11.43
CA GLU A 152 -20.30 -20.28 -10.81
C GLU A 152 -19.07 -20.49 -11.67
N ARG A 153 -18.92 -21.70 -12.24
CA ARG A 153 -17.80 -22.02 -13.12
C ARG A 153 -17.95 -21.23 -14.39
N ASP A 154 -19.17 -21.15 -14.90
CA ASP A 154 -19.39 -20.49 -16.17
C ASP A 154 -19.25 -19.00 -16.11
N ILE A 155 -19.66 -18.37 -14.97
CA ILE A 155 -19.49 -16.93 -14.79
C ILE A 155 -18.00 -16.63 -14.75
N MET A 156 -17.23 -17.43 -14.02
CA MET A 156 -15.81 -17.22 -13.92
C MET A 156 -15.01 -17.64 -15.12
N ALA A 157 -15.54 -18.51 -15.98
CA ALA A 157 -14.74 -18.98 -17.11
C ALA A 157 -14.94 -18.20 -18.38
N PHE A 158 -16.13 -17.56 -18.54
CA PHE A 158 -16.50 -16.85 -19.76
C PHE A 158 -16.83 -15.40 -19.58
N ALA A 159 -17.03 -14.93 -18.33
CA ALA A 159 -17.35 -13.51 -18.08
C ALA A 159 -16.49 -12.55 -18.89
N ASN A 160 -15.18 -12.81 -18.97
CA ASN A 160 -14.21 -11.96 -19.63
C ASN A 160 -14.45 -10.46 -19.31
N SER A 161 -14.49 -10.19 -18.02
CA SER A 161 -14.69 -8.87 -17.49
C SER A 161 -13.55 -8.56 -16.54
N PRO A 162 -13.06 -7.31 -16.44
CA PRO A 162 -12.07 -7.01 -15.39
C PRO A 162 -12.71 -6.96 -13.97
N TRP A 163 -14.03 -7.01 -13.90
CA TRP A 163 -14.79 -6.98 -12.67
C TRP A 163 -15.09 -8.35 -12.04
N VAL A 164 -14.88 -9.45 -12.80
CA VAL A 164 -15.11 -10.83 -12.38
C VAL A 164 -13.79 -11.61 -12.24
N VAL A 165 -13.57 -12.29 -11.12
CA VAL A 165 -12.39 -13.14 -10.92
C VAL A 165 -12.43 -14.24 -12.02
N GLN A 166 -11.33 -14.44 -12.79
CA GLN A 166 -11.40 -15.44 -13.86
C GLN A 166 -10.89 -16.84 -13.46
N LEU A 167 -11.46 -17.87 -14.13
CA LEU A 167 -11.13 -19.29 -14.02
C LEU A 167 -10.15 -19.63 -15.13
N PHE A 168 -9.15 -20.47 -14.80
CA PHE A 168 -8.12 -20.94 -15.76
C PHE A 168 -8.35 -22.38 -16.10
N TYR A 169 -8.61 -23.20 -15.07
CA TYR A 169 -8.92 -24.60 -15.17
C TYR A 169 -10.00 -24.95 -14.16
N ALA A 170 -10.81 -25.95 -14.50
CA ALA A 170 -11.78 -26.60 -13.64
C ALA A 170 -11.41 -28.05 -13.82
N PHE A 171 -11.45 -28.83 -12.74
CA PHE A 171 -11.17 -30.26 -12.75
C PHE A 171 -11.85 -30.91 -11.58
N GLN A 172 -11.72 -32.24 -11.44
CA GLN A 172 -12.34 -33.04 -10.37
C GLN A 172 -11.57 -34.34 -10.09
N ASP A 173 -12.00 -35.05 -9.04
CA ASP A 173 -11.51 -36.37 -8.65
C ASP A 173 -12.60 -37.09 -7.90
N ASP A 174 -12.29 -38.31 -7.44
CA ASP A 174 -13.10 -39.22 -6.63
C ASP A 174 -13.90 -38.46 -5.52
N ARG A 175 -13.21 -37.51 -4.80
CA ARG A 175 -13.70 -36.72 -3.65
C ARG A 175 -14.22 -35.29 -3.92
N TYR A 176 -13.40 -34.44 -4.62
CA TYR A 176 -13.71 -33.01 -4.84
C TYR A 176 -13.83 -32.51 -6.27
N LEU A 177 -14.46 -31.34 -6.38
CA LEU A 177 -14.55 -30.47 -7.53
C LEU A 177 -13.40 -29.45 -7.30
N TYR A 178 -12.85 -28.87 -8.37
CA TYR A 178 -11.73 -27.93 -8.24
C TYR A 178 -11.93 -26.77 -9.16
N MET A 179 -11.75 -25.55 -8.63
CA MET A 179 -11.82 -24.34 -9.43
C MET A 179 -10.55 -23.49 -9.28
N VAL A 180 -9.72 -23.45 -10.33
CA VAL A 180 -8.46 -22.69 -10.36
C VAL A 180 -8.71 -21.25 -10.90
N MET A 181 -8.68 -20.28 -9.99
CA MET A 181 -8.91 -18.86 -10.30
C MET A 181 -7.63 -18.04 -10.17
N GLU A 182 -7.67 -16.76 -10.57
CA GLU A 182 -6.55 -15.83 -10.37
C GLU A 182 -6.55 -15.45 -8.90
N TYR A 183 -5.35 -15.38 -8.27
CA TYR A 183 -5.15 -14.97 -6.87
C TYR A 183 -5.36 -13.46 -6.78
N MET A 184 -6.08 -13.02 -5.71
CA MET A 184 -6.37 -11.61 -5.42
C MET A 184 -5.58 -11.25 -4.16
N PRO A 185 -4.30 -10.84 -4.31
CA PRO A 185 -3.44 -10.61 -3.13
C PRO A 185 -3.87 -9.52 -2.14
N GLY A 186 -4.66 -8.53 -2.56
CA GLY A 186 -5.14 -7.47 -1.68
C GLY A 186 -6.20 -7.87 -0.66
N GLY A 187 -6.65 -9.12 -0.70
CA GLY A 187 -7.67 -9.61 0.21
C GLY A 187 -9.03 -9.00 -0.05
N ASP A 188 -9.99 -9.34 0.79
CA ASP A 188 -11.37 -8.89 0.68
C ASP A 188 -11.68 -7.55 1.39
N LEU A 189 -12.95 -7.13 1.26
CA LEU A 189 -13.43 -5.89 1.82
C LEU A 189 -13.75 -6.02 3.31
N VAL A 190 -13.94 -7.26 3.83
CA VAL A 190 -14.18 -7.46 5.26
C VAL A 190 -12.90 -7.11 5.99
N ASN A 191 -11.74 -7.53 5.43
CA ASN A 191 -10.40 -7.25 5.97
C ASN A 191 -10.12 -5.74 5.97
N LEU A 192 -10.37 -5.06 4.83
CA LEU A 192 -10.15 -3.63 4.70
C LEU A 192 -10.98 -2.87 5.70
N MET A 193 -12.26 -3.23 5.85
CA MET A 193 -13.17 -2.52 6.74
C MET A 193 -12.78 -2.64 8.19
N SER A 194 -12.09 -3.72 8.55
CA SER A 194 -11.66 -3.94 9.92
C SER A 194 -10.39 -3.13 10.18
N ASN A 195 -9.33 -3.36 9.39
CA ASN A 195 -8.04 -2.67 9.45
C ASN A 195 -8.09 -1.11 9.39
N TYR A 196 -9.16 -0.50 8.80
CA TYR A 196 -9.26 0.95 8.61
C TYR A 196 -10.60 1.57 8.89
N ASP A 197 -10.58 2.88 9.15
CA ASP A 197 -11.81 3.66 9.27
C ASP A 197 -12.04 4.15 7.82
N VAL A 198 -13.16 3.78 7.22
CA VAL A 198 -13.29 4.10 5.80
C VAL A 198 -13.88 5.50 5.56
N PRO A 199 -13.08 6.40 4.94
CA PRO A 199 -13.60 7.74 4.63
C PRO A 199 -14.54 7.72 3.45
N GLU A 200 -15.40 8.73 3.33
CA GLU A 200 -16.38 8.82 2.25
C GLU A 200 -15.78 8.69 0.85
N LYS A 201 -14.57 9.24 0.63
CA LYS A 201 -13.91 9.15 -0.68
C LYS A 201 -13.53 7.71 -0.99
N TRP A 202 -13.03 6.97 0.03
CA TRP A 202 -12.67 5.55 -0.13
C TRP A 202 -13.97 4.78 -0.42
N ALA A 203 -15.01 5.00 0.42
CA ALA A 203 -16.31 4.38 0.27
C ALA A 203 -16.90 4.63 -1.12
N ARG A 204 -16.77 5.85 -1.65
CA ARG A 204 -17.28 6.24 -2.97
C ARG A 204 -16.64 5.41 -4.07
N PHE A 205 -15.35 5.09 -3.93
CA PHE A 205 -14.62 4.30 -4.91
C PHE A 205 -15.15 2.86 -4.92
N TYR A 206 -15.09 2.18 -3.75
CA TYR A 206 -15.52 0.82 -3.57
C TYR A 206 -16.97 0.62 -3.99
N THR A 207 -17.88 1.52 -3.59
CA THR A 207 -19.29 1.43 -4.01
C THR A 207 -19.37 1.47 -5.52
N ALA A 208 -18.69 2.47 -6.15
CA ALA A 208 -18.65 2.69 -7.59
C ALA A 208 -18.18 1.45 -8.36
N GLU A 209 -17.08 0.79 -7.91
CA GLU A 209 -16.58 -0.44 -8.56
C GLU A 209 -17.56 -1.61 -8.44
N VAL A 210 -18.24 -1.75 -7.28
CA VAL A 210 -19.26 -2.79 -7.05
C VAL A 210 -20.45 -2.52 -7.98
N VAL A 211 -20.81 -1.25 -8.20
CA VAL A 211 -21.92 -0.87 -9.08
C VAL A 211 -21.61 -1.30 -10.54
N LEU A 212 -20.37 -1.07 -11.00
CA LEU A 212 -19.94 -1.47 -12.33
C LEU A 212 -19.88 -3.00 -12.42
N ALA A 213 -19.27 -3.68 -11.43
CA ALA A 213 -19.20 -5.16 -11.36
C ALA A 213 -20.60 -5.78 -11.36
N LEU A 214 -21.55 -5.17 -10.67
CA LEU A 214 -22.90 -5.70 -10.68
C LEU A 214 -23.56 -5.45 -12.02
N ASP A 215 -23.34 -4.23 -12.63
CA ASP A 215 -23.91 -3.94 -13.94
C ASP A 215 -23.35 -4.94 -14.98
N ALA A 216 -22.07 -5.30 -14.86
CA ALA A 216 -21.44 -6.28 -15.73
C ALA A 216 -22.12 -7.63 -15.63
N ILE A 217 -22.49 -8.06 -14.37
CA ILE A 217 -23.12 -9.34 -14.10
C ILE A 217 -24.58 -9.32 -14.60
N HIS A 218 -25.29 -8.18 -14.47
CA HIS A 218 -26.67 -8.05 -14.94
C HIS A 218 -26.68 -8.11 -16.45
N SER A 219 -25.68 -7.45 -17.09
CA SER A 219 -25.50 -7.42 -18.54
C SER A 219 -25.27 -8.82 -19.04
N MET A 220 -24.66 -9.66 -18.21
CA MET A 220 -24.40 -11.04 -18.54
C MET A 220 -25.64 -11.92 -18.32
N GLY A 221 -26.71 -11.34 -17.78
CA GLY A 221 -28.00 -11.99 -17.57
C GLY A 221 -28.28 -12.61 -16.23
N PHE A 222 -27.41 -12.40 -15.24
CA PHE A 222 -27.59 -12.96 -13.91
C PHE A 222 -27.92 -11.90 -12.88
N ILE A 223 -28.48 -12.35 -11.75
CA ILE A 223 -28.73 -11.57 -10.53
C ILE A 223 -27.71 -12.17 -9.53
N HIS A 224 -26.96 -11.34 -8.76
CA HIS A 224 -25.97 -11.88 -7.80
C HIS A 224 -26.65 -12.60 -6.59
N ARG A 225 -27.70 -11.95 -6.02
CA ARG A 225 -28.53 -12.41 -4.90
C ARG A 225 -27.87 -12.39 -3.53
N ASP A 226 -26.52 -12.34 -3.47
CA ASP A 226 -25.76 -12.35 -2.23
C ASP A 226 -24.54 -11.38 -2.30
N VAL A 227 -24.81 -10.06 -2.46
CA VAL A 227 -23.72 -9.06 -2.53
C VAL A 227 -23.24 -8.66 -1.12
N LYS A 228 -21.93 -8.83 -0.84
CA LYS A 228 -21.35 -8.49 0.45
C LYS A 228 -19.82 -8.37 0.40
N PRO A 229 -19.19 -7.64 1.35
CA PRO A 229 -17.72 -7.54 1.37
C PRO A 229 -16.93 -8.84 1.36
N ASP A 230 -17.56 -9.94 1.70
CA ASP A 230 -16.90 -11.26 1.70
C ASP A 230 -16.59 -11.66 0.27
N ASN A 231 -17.43 -11.20 -0.67
CA ASN A 231 -17.37 -11.51 -2.10
C ASN A 231 -16.71 -10.40 -2.91
N MET A 232 -16.18 -9.36 -2.21
CA MET A 232 -15.50 -8.23 -2.84
C MET A 232 -14.01 -8.42 -2.57
N LEU A 233 -13.22 -8.79 -3.59
CA LEU A 233 -11.78 -9.06 -3.45
C LEU A 233 -10.96 -8.01 -4.18
N LEU A 234 -9.66 -7.82 -3.75
CA LEU A 234 -8.79 -6.77 -4.29
C LEU A 234 -7.53 -7.30 -4.96
N ASP A 235 -7.23 -6.72 -6.15
CA ASP A 235 -6.09 -7.16 -6.93
C ASP A 235 -4.75 -6.56 -6.43
N LYS A 236 -3.60 -6.91 -7.08
CA LYS A 236 -2.28 -6.41 -6.64
C LYS A 236 -2.24 -4.87 -6.66
N SER A 237 -2.95 -4.24 -7.63
CA SER A 237 -3.03 -2.77 -7.75
C SER A 237 -4.25 -2.15 -6.99
N GLY A 238 -4.96 -2.98 -6.19
CA GLY A 238 -6.10 -2.56 -5.38
C GLY A 238 -7.46 -2.34 -6.04
N HIS A 239 -7.75 -2.99 -7.18
CA HIS A 239 -9.08 -2.84 -7.77
C HIS A 239 -9.97 -4.03 -7.52
N LEU A 240 -11.26 -3.74 -7.29
CA LEU A 240 -12.29 -4.73 -6.99
C LEU A 240 -12.58 -5.63 -8.16
N LYS A 241 -12.93 -6.88 -7.80
CA LYS A 241 -13.36 -8.00 -8.62
C LYS A 241 -14.30 -8.79 -7.69
N LEU A 242 -15.41 -9.37 -8.22
CA LEU A 242 -16.36 -10.21 -7.46
C LEU A 242 -15.88 -11.67 -7.45
N ALA A 243 -16.26 -12.48 -6.41
CA ALA A 243 -15.68 -13.81 -6.31
C ALA A 243 -16.60 -14.98 -5.91
N ASP A 244 -17.74 -14.78 -5.25
CA ASP A 244 -18.52 -15.99 -4.97
C ASP A 244 -19.77 -15.95 -5.81
N PHE A 245 -19.90 -16.88 -6.75
CA PHE A 245 -21.08 -16.85 -7.63
C PHE A 245 -22.09 -18.00 -7.36
N GLY A 246 -21.98 -18.61 -6.17
CA GLY A 246 -22.86 -19.67 -5.68
C GLY A 246 -24.35 -19.34 -5.58
N THR A 247 -24.71 -18.04 -5.55
CA THR A 247 -26.11 -17.61 -5.48
C THR A 247 -26.63 -16.99 -6.79
N CYS A 248 -25.78 -16.92 -7.83
CA CYS A 248 -26.18 -16.34 -9.12
C CYS A 248 -27.23 -17.18 -9.82
N MET A 249 -28.25 -16.50 -10.32
CA MET A 249 -29.38 -17.11 -11.00
C MET A 249 -29.56 -16.40 -12.31
N LYS A 250 -29.84 -17.16 -13.40
CA LYS A 250 -30.07 -16.60 -14.74
C LYS A 250 -31.43 -15.92 -14.73
N MET A 251 -31.52 -14.76 -15.36
CA MET A 251 -32.78 -14.02 -15.39
C MET A 251 -33.70 -14.60 -16.46
N ASN A 252 -35.03 -14.48 -16.26
CA ASN A 252 -35.95 -14.96 -17.26
C ASN A 252 -36.16 -13.86 -18.29
N LYS A 253 -37.07 -14.10 -19.25
CA LYS A 253 -37.46 -13.22 -20.35
C LYS A 253 -37.69 -11.76 -19.93
N GLU A 254 -38.14 -11.52 -18.68
CA GLU A 254 -38.41 -10.17 -18.15
C GLU A 254 -37.39 -9.72 -17.09
N GLY A 255 -36.24 -10.40 -17.03
CA GLY A 255 -35.18 -10.13 -16.07
C GLY A 255 -35.60 -10.39 -14.64
N MET A 256 -36.34 -11.49 -14.43
CA MET A 256 -36.92 -11.86 -13.16
C MET A 256 -36.54 -13.27 -12.71
N VAL A 257 -36.76 -13.57 -11.40
CA VAL A 257 -36.46 -14.87 -10.77
C VAL A 257 -37.63 -15.35 -9.86
N ARG A 258 -38.20 -16.54 -10.18
CA ARG A 258 -39.29 -17.17 -9.42
C ARG A 258 -38.65 -18.01 -8.31
N CYS A 259 -38.88 -17.66 -7.02
CA CYS A 259 -38.25 -18.43 -5.96
C CYS A 259 -39.13 -18.73 -4.74
N ASP A 260 -38.98 -19.98 -4.31
CA ASP A 260 -39.60 -20.67 -3.19
C ASP A 260 -38.86 -20.30 -1.90
N THR A 261 -37.56 -20.61 -1.87
CA THR A 261 -36.64 -20.40 -0.78
C THR A 261 -35.90 -19.05 -0.91
N ALA A 262 -35.41 -18.53 0.21
CA ALA A 262 -34.62 -17.30 0.29
C ALA A 262 -33.16 -17.70 0.22
N VAL A 263 -32.32 -16.87 -0.42
CA VAL A 263 -30.88 -17.12 -0.57
C VAL A 263 -30.05 -15.88 -0.22
N GLY A 264 -28.84 -16.11 0.32
CA GLY A 264 -27.93 -15.02 0.67
C GLY A 264 -27.42 -14.98 2.08
N THR A 265 -27.26 -13.75 2.61
CA THR A 265 -26.71 -13.47 3.95
C THR A 265 -27.74 -12.75 4.82
N PRO A 266 -27.87 -13.18 6.10
CA PRO A 266 -28.86 -12.56 6.97
C PRO A 266 -28.88 -11.03 7.05
N ASP A 267 -27.71 -10.37 6.93
CA ASP A 267 -27.59 -8.92 7.03
C ASP A 267 -27.96 -8.16 5.76
N TYR A 268 -27.42 -8.64 4.61
CA TYR A 268 -27.56 -7.96 3.30
C TYR A 268 -28.74 -8.39 2.45
N ILE A 269 -29.66 -9.27 2.96
CA ILE A 269 -30.80 -9.76 2.15
C ILE A 269 -31.94 -8.73 2.16
N SER A 270 -32.40 -8.47 0.95
CA SER A 270 -33.46 -7.52 0.67
C SER A 270 -34.79 -8.07 1.17
N PRO A 271 -35.79 -7.22 1.50
CA PRO A 271 -37.07 -7.72 2.00
C PRO A 271 -37.82 -8.71 1.10
N GLU A 272 -37.71 -8.56 -0.25
CA GLU A 272 -38.32 -9.44 -1.25
C GLU A 272 -37.72 -10.85 -1.19
N VAL A 273 -36.38 -10.96 -1.39
CA VAL A 273 -35.65 -12.22 -1.33
C VAL A 273 -35.91 -12.99 -0.02
N LEU A 274 -36.17 -12.25 1.09
CA LEU A 274 -36.50 -12.81 2.40
C LEU A 274 -37.89 -13.42 2.52
N LYS A 275 -38.95 -12.67 2.09
CA LYS A 275 -40.36 -13.06 2.22
C LYS A 275 -40.77 -14.26 1.35
N SER A 276 -40.16 -14.40 0.14
CA SER A 276 -40.35 -15.46 -0.88
C SER A 276 -41.66 -16.28 -0.83
N TYR A 282 -40.83 -13.85 -7.11
CA TYR A 282 -40.76 -13.08 -8.36
C TYR A 282 -40.11 -11.68 -8.21
N TYR A 283 -38.75 -11.63 -8.19
CA TYR A 283 -37.95 -10.40 -8.03
C TYR A 283 -36.98 -10.14 -9.20
N GLY A 284 -36.45 -8.91 -9.28
CA GLY A 284 -35.51 -8.48 -10.32
C GLY A 284 -34.10 -8.14 -9.86
N ARG A 285 -33.33 -7.40 -10.70
CA ARG A 285 -31.94 -7.01 -10.39
C ARG A 285 -31.84 -6.04 -9.19
N GLU A 286 -32.86 -5.19 -8.96
CA GLU A 286 -32.93 -4.22 -7.86
C GLU A 286 -32.59 -4.81 -6.46
N CYS A 287 -32.72 -6.15 -6.27
CA CYS A 287 -32.38 -6.81 -5.01
C CYS A 287 -30.88 -6.66 -4.68
N ASP A 288 -30.02 -6.80 -5.71
CA ASP A 288 -28.57 -6.62 -5.61
C ASP A 288 -28.20 -5.20 -5.17
N TRP A 289 -29.03 -4.18 -5.51
CA TRP A 289 -28.81 -2.78 -5.15
C TRP A 289 -29.09 -2.48 -3.69
N TRP A 290 -30.00 -3.26 -3.06
CA TRP A 290 -30.31 -3.11 -1.64
C TRP A 290 -29.05 -3.46 -0.86
N SER A 291 -28.38 -4.57 -1.26
CA SER A 291 -27.15 -5.07 -0.67
C SER A 291 -26.03 -4.04 -0.76
N VAL A 292 -26.08 -3.17 -1.79
CA VAL A 292 -25.13 -2.09 -1.99
C VAL A 292 -25.38 -1.01 -0.91
N GLY A 293 -26.65 -0.74 -0.60
CA GLY A 293 -27.04 0.20 0.45
C GLY A 293 -26.45 -0.25 1.78
N VAL A 294 -26.72 -1.51 2.14
CA VAL A 294 -26.20 -2.17 3.32
C VAL A 294 -24.66 -2.03 3.29
N PHE A 295 -24.02 -2.33 2.13
CA PHE A 295 -22.56 -2.21 1.97
C PHE A 295 -22.04 -0.79 2.21
N LEU A 296 -22.76 0.26 1.73
CA LEU A 296 -22.35 1.65 1.94
C LEU A 296 -22.48 2.00 3.43
N TYR A 297 -23.67 1.75 4.01
CA TYR A 297 -23.96 1.98 5.42
C TYR A 297 -22.87 1.37 6.33
N GLU A 298 -22.50 0.10 6.10
CA GLU A 298 -21.49 -0.55 6.95
C GLU A 298 -20.12 0.10 6.88
N MET A 299 -19.73 0.63 5.71
CA MET A 299 -18.43 1.25 5.51
C MET A 299 -18.32 2.58 6.24
N LEU A 300 -19.39 3.38 6.20
CA LEU A 300 -19.40 4.69 6.84
C LEU A 300 -19.66 4.62 8.39
N VAL A 301 -20.75 3.95 8.81
CA VAL A 301 -21.20 3.79 10.19
C VAL A 301 -20.34 2.81 11.03
N GLY A 302 -19.74 1.82 10.37
CA GLY A 302 -18.91 0.83 11.06
C GLY A 302 -19.66 -0.40 11.54
N ASP A 303 -20.98 -0.48 11.25
CA ASP A 303 -21.82 -1.62 11.63
C ASP A 303 -22.92 -1.72 10.61
N THR A 304 -23.50 -2.92 10.46
CA THR A 304 -24.58 -3.22 9.51
C THR A 304 -25.82 -2.46 9.91
N PRO A 305 -26.66 -2.00 8.97
CA PRO A 305 -27.85 -1.21 9.36
C PRO A 305 -28.92 -1.95 10.13
N PHE A 306 -28.96 -3.28 10.00
CA PHE A 306 -30.00 -4.09 10.62
C PHE A 306 -29.44 -5.13 11.57
N TYR A 307 -28.36 -4.75 12.29
CA TYR A 307 -27.74 -5.56 13.32
C TYR A 307 -28.76 -5.81 14.42
N ALA A 308 -28.59 -6.95 15.09
CA ALA A 308 -29.34 -7.42 16.24
C ALA A 308 -28.43 -8.43 16.94
N ASP A 309 -28.58 -8.59 18.27
CA ASP A 309 -27.77 -9.52 19.05
C ASP A 309 -28.08 -10.97 18.65
N SER A 310 -29.35 -11.25 18.34
CA SER A 310 -29.82 -12.55 17.87
C SER A 310 -29.74 -12.49 16.35
N LEU A 311 -29.40 -13.62 15.73
CA LEU A 311 -29.33 -13.65 14.27
C LEU A 311 -30.72 -13.53 13.67
N VAL A 312 -31.75 -14.00 14.41
CA VAL A 312 -33.16 -13.95 13.99
C VAL A 312 -33.73 -12.52 14.09
N GLY A 313 -33.19 -11.76 15.05
CA GLY A 313 -33.61 -10.39 15.32
C GLY A 313 -33.34 -9.47 14.15
N THR A 314 -32.30 -9.81 13.34
CA THR A 314 -31.86 -9.12 12.13
C THR A 314 -32.99 -9.21 11.10
N TYR A 315 -33.59 -10.40 10.96
CA TYR A 315 -34.72 -10.66 10.06
C TYR A 315 -35.89 -9.67 10.33
N SER A 316 -36.32 -9.56 11.61
CA SER A 316 -37.38 -8.70 12.11
C SER A 316 -37.06 -7.26 11.75
N LYS A 317 -35.80 -6.86 12.01
CA LYS A 317 -35.27 -5.55 11.72
C LYS A 317 -35.33 -5.20 10.23
N ILE A 318 -34.88 -6.12 9.35
CA ILE A 318 -34.88 -5.95 7.89
C ILE A 318 -36.29 -5.72 7.38
N MET A 319 -37.26 -6.50 7.89
CA MET A 319 -38.66 -6.38 7.49
C MET A 319 -39.25 -5.04 7.91
N ASN A 320 -38.77 -4.52 9.07
CA ASN A 320 -39.15 -3.24 9.61
C ASN A 320 -38.20 -2.13 9.16
N HIS A 321 -37.45 -2.33 8.04
CA HIS A 321 -36.46 -1.39 7.53
C HIS A 321 -36.84 0.09 7.70
N LYS A 322 -38.13 0.45 7.47
CA LYS A 322 -38.70 1.80 7.56
C LYS A 322 -38.59 2.46 8.96
N ASN A 323 -38.61 1.65 10.04
CA ASN A 323 -38.47 2.08 11.44
C ASN A 323 -37.26 1.46 12.20
N SER A 324 -36.28 0.91 11.46
CA SER A 324 -35.08 0.32 12.07
C SER A 324 -33.83 0.96 11.47
N LEU A 325 -33.97 1.51 10.25
CA LEU A 325 -32.88 2.23 9.57
C LEU A 325 -32.77 3.62 10.19
N THR A 326 -31.68 3.79 10.95
CA THR A 326 -31.32 4.99 11.69
C THR A 326 -29.83 5.20 11.62
N PHE A 327 -29.38 6.46 11.70
CA PHE A 327 -27.95 6.80 11.70
C PHE A 327 -27.56 7.24 13.11
N PRO A 328 -26.32 6.94 13.61
CA PRO A 328 -25.98 7.33 15.00
C PRO A 328 -25.92 8.83 15.25
N ASP A 329 -26.15 9.24 16.53
CA ASP A 329 -26.19 10.62 17.05
C ASP A 329 -25.08 11.53 16.48
N ASP A 330 -23.83 11.03 16.50
CA ASP A 330 -22.66 11.72 15.96
C ASP A 330 -22.71 11.54 14.43
N ASN A 331 -23.47 12.43 13.76
CA ASN A 331 -23.67 12.37 12.32
C ASN A 331 -22.62 13.14 11.54
N ASP A 332 -21.48 12.47 11.29
CA ASP A 332 -20.35 13.02 10.54
C ASP A 332 -20.46 12.68 9.03
N ILE A 333 -21.37 11.74 8.70
CA ILE A 333 -21.68 11.29 7.35
C ILE A 333 -22.45 12.44 6.67
N SER A 334 -22.04 12.82 5.43
CA SER A 334 -22.63 13.89 4.62
C SER A 334 -24.12 13.67 4.31
N LYS A 335 -24.83 14.73 3.90
CA LYS A 335 -26.25 14.63 3.57
C LYS A 335 -26.47 13.80 2.32
N GLU A 336 -25.52 13.93 1.35
CA GLU A 336 -25.48 13.25 0.05
C GLU A 336 -25.21 11.75 0.22
N ALA A 337 -24.40 11.36 1.22
CA ALA A 337 -24.09 9.96 1.47
C ALA A 337 -25.29 9.22 2.07
N LYS A 338 -25.97 9.81 3.09
CA LYS A 338 -27.17 9.25 3.74
C LYS A 338 -28.31 9.14 2.73
N ASN A 339 -28.31 10.02 1.73
CA ASN A 339 -29.30 10.07 0.66
C ASN A 339 -29.23 8.80 -0.18
N LEU A 340 -28.01 8.46 -0.69
CA LEU A 340 -27.75 7.25 -1.48
C LEU A 340 -28.18 6.06 -0.68
N ILE A 341 -27.65 5.91 0.56
CA ILE A 341 -28.00 4.82 1.45
C ILE A 341 -29.52 4.66 1.50
N CYS A 342 -30.23 5.71 1.85
CA CYS A 342 -31.68 5.65 1.98
C CYS A 342 -32.42 5.40 0.66
N ALA A 343 -31.89 5.86 -0.47
CA ALA A 343 -32.50 5.62 -1.78
C ALA A 343 -32.41 4.12 -2.24
N PHE A 344 -31.56 3.32 -1.56
CA PHE A 344 -31.32 1.88 -1.80
C PHE A 344 -32.00 1.06 -0.67
N LEU A 345 -31.84 1.50 0.58
CA LEU A 345 -32.41 0.83 1.73
C LEU A 345 -33.92 1.18 1.89
N THR A 346 -34.66 0.98 0.77
CA THR A 346 -36.09 1.21 0.61
C THR A 346 -36.76 0.02 -0.10
N ASP A 347 -38.10 0.03 -0.22
CA ASP A 347 -38.92 -1.01 -0.87
C ASP A 347 -38.56 -1.14 -2.38
N ARG A 348 -38.62 -2.39 -2.88
CA ARG A 348 -38.32 -2.87 -4.24
C ARG A 348 -38.81 -1.90 -5.33
N GLU A 349 -40.09 -1.54 -5.27
CA GLU A 349 -40.81 -0.66 -6.18
C GLU A 349 -40.26 0.78 -6.23
N VAL A 350 -39.77 1.28 -5.08
CA VAL A 350 -39.25 2.65 -4.89
C VAL A 350 -37.75 2.78 -5.17
N ARG A 351 -36.97 1.77 -4.74
CA ARG A 351 -35.50 1.63 -4.83
C ARG A 351 -34.83 2.26 -6.06
N LEU A 352 -33.69 2.95 -5.81
CA LEU A 352 -32.85 3.58 -6.83
C LEU A 352 -32.19 2.49 -7.68
N GLY A 353 -32.38 2.58 -8.99
CA GLY A 353 -31.87 1.62 -9.95
C GLY A 353 -32.96 0.74 -10.51
N ARG A 354 -34.23 1.04 -10.16
CA ARG A 354 -35.42 0.33 -10.65
C ARG A 354 -35.55 0.59 -12.17
N ASN A 355 -35.20 1.83 -12.58
CA ASN A 355 -35.21 2.31 -13.95
C ASN A 355 -33.78 2.40 -14.56
N GLY A 356 -32.96 1.41 -14.26
CA GLY A 356 -31.59 1.31 -14.77
C GLY A 356 -30.48 1.85 -13.90
N VAL A 357 -29.23 1.48 -14.26
CA VAL A 357 -27.99 1.85 -13.56
C VAL A 357 -27.60 3.32 -13.68
N GLU A 358 -28.00 4.03 -14.76
CA GLU A 358 -27.60 5.43 -14.95
C GLU A 358 -28.12 6.31 -13.82
N GLU A 359 -29.33 5.97 -13.30
CA GLU A 359 -29.98 6.58 -12.14
C GLU A 359 -29.03 6.52 -10.92
N ILE A 360 -28.27 5.41 -10.77
CA ILE A 360 -27.30 5.20 -9.70
C ILE A 360 -26.03 6.04 -9.93
N LYS A 361 -25.48 6.00 -11.16
CA LYS A 361 -24.27 6.74 -11.53
C LYS A 361 -24.48 8.23 -11.39
N ARG A 362 -25.67 8.72 -11.79
CA ARG A 362 -26.07 10.13 -11.74
C ARG A 362 -26.19 10.71 -10.34
N HIS A 363 -26.21 9.85 -9.30
CA HIS A 363 -26.32 10.31 -7.93
C HIS A 363 -25.15 11.22 -7.57
N LEU A 364 -25.51 12.36 -7.00
CA LEU A 364 -24.61 13.41 -6.56
C LEU A 364 -23.45 12.89 -5.74
N PHE A 365 -23.68 11.89 -4.86
CA PHE A 365 -22.65 11.27 -4.02
C PHE A 365 -21.41 10.84 -4.83
N PHE A 366 -21.60 10.37 -6.07
CA PHE A 366 -20.53 9.90 -6.95
C PHE A 366 -19.70 10.98 -7.61
N LYS A 367 -20.15 12.26 -7.54
CA LYS A 367 -19.43 13.40 -8.15
C LYS A 367 -18.12 13.66 -7.40
N ASN A 368 -16.96 13.58 -8.11
CA ASN A 368 -15.66 13.73 -7.45
C ASN A 368 -14.49 14.29 -8.33
N ASP A 369 -13.38 14.65 -7.65
CA ASP A 369 -12.14 15.23 -8.21
C ASP A 369 -11.07 14.20 -8.60
N GLN A 370 -11.34 12.89 -8.43
CA GLN A 370 -10.37 11.83 -8.72
C GLN A 370 -10.63 11.04 -10.03
N TRP A 371 -11.87 10.57 -10.23
CA TRP A 371 -12.26 9.73 -11.36
C TRP A 371 -13.60 10.13 -11.95
N ALA A 372 -13.94 9.46 -13.07
CA ALA A 372 -15.22 9.50 -13.78
C ALA A 372 -15.47 8.03 -14.10
N TRP A 373 -16.75 7.61 -14.03
CA TRP A 373 -17.20 6.22 -14.21
C TRP A 373 -16.44 5.43 -15.26
N GLU A 374 -16.16 6.04 -16.41
CA GLU A 374 -15.48 5.42 -17.55
C GLU A 374 -13.98 5.17 -17.32
N THR A 375 -13.33 6.07 -16.60
CA THR A 375 -11.89 6.01 -16.36
C THR A 375 -11.53 5.36 -15.02
N LEU A 376 -12.56 5.00 -14.21
CA LEU A 376 -12.42 4.45 -12.86
C LEU A 376 -11.37 3.34 -12.68
N ARG A 377 -11.44 2.23 -13.45
CA ARG A 377 -10.46 1.16 -13.22
C ARG A 377 -9.03 1.49 -13.70
N ASP A 378 -8.86 2.70 -14.28
CA ASP A 378 -7.55 3.21 -14.67
C ASP A 378 -6.93 4.10 -13.60
N THR A 379 -7.77 4.78 -12.79
CA THR A 379 -7.31 5.61 -11.67
C THR A 379 -6.67 4.78 -10.57
N VAL A 380 -5.90 5.42 -9.69
CA VAL A 380 -5.20 4.81 -8.56
C VAL A 380 -6.20 4.49 -7.43
N ALA A 381 -6.02 3.34 -6.78
CA ALA A 381 -6.88 2.82 -5.71
C ALA A 381 -6.66 3.47 -4.31
N PRO A 382 -7.70 3.53 -3.44
CA PRO A 382 -7.51 4.12 -2.11
C PRO A 382 -6.45 3.41 -1.27
N VAL A 383 -6.38 2.09 -1.37
CA VAL A 383 -5.43 1.24 -0.66
C VAL A 383 -4.70 0.49 -1.72
N VAL A 384 -3.46 0.90 -1.98
CA VAL A 384 -2.62 0.19 -2.94
C VAL A 384 -1.76 -0.66 -2.05
N PRO A 385 -1.92 -1.98 -2.04
CA PRO A 385 -1.10 -2.79 -1.13
C PRO A 385 0.39 -2.77 -1.47
N ASP A 386 1.17 -3.50 -0.69
CA ASP A 386 2.61 -3.67 -0.90
C ASP A 386 2.84 -5.12 -0.50
N LEU A 387 3.22 -5.92 -1.50
CA LEU A 387 3.31 -7.37 -1.33
C LEU A 387 4.73 -7.89 -1.35
N SER A 388 5.06 -8.70 -0.34
CA SER A 388 6.39 -9.26 -0.15
C SER A 388 6.84 -10.11 -1.32
N SER A 389 5.98 -11.07 -1.75
CA SER A 389 6.24 -12.00 -2.85
C SER A 389 4.96 -12.31 -3.61
N ASP A 390 5.06 -13.19 -4.65
CA ASP A 390 3.92 -13.66 -5.46
C ASP A 390 2.90 -14.44 -4.63
N ILE A 391 3.35 -14.99 -3.48
CA ILE A 391 2.57 -15.79 -2.55
C ILE A 391 2.22 -15.02 -1.22
N ASP A 392 2.36 -13.67 -1.22
CA ASP A 392 2.06 -12.82 -0.06
C ASP A 392 0.61 -12.98 0.42
N THR A 393 0.45 -13.53 1.64
CA THR A 393 -0.87 -13.77 2.25
C THR A 393 -1.13 -12.83 3.42
N SER A 394 -0.47 -11.66 3.40
CA SER A 394 -0.54 -10.60 4.41
C SER A 394 -1.94 -10.00 4.61
N ASN A 395 -2.84 -10.10 3.62
CA ASN A 395 -4.19 -9.53 3.70
C ASN A 395 -5.26 -10.63 3.90
N PHE A 396 -4.81 -11.83 4.30
CA PHE A 396 -5.73 -12.95 4.50
C PHE A 396 -5.50 -13.58 5.86
N ASP A 397 -6.58 -13.76 6.64
CA ASP A 397 -6.51 -14.39 7.96
C ASP A 397 -5.88 -15.78 7.87
N ASP A 398 -4.84 -16.02 8.71
CA ASP A 398 -4.16 -17.31 8.77
C ASP A 398 -5.18 -18.37 9.24
N LEU A 399 -5.20 -19.56 8.58
CA LEU A 399 -6.19 -20.61 8.89
C LEU A 399 -5.61 -22.01 9.07
N THR A 408 -16.29 -38.55 3.24
CA THR A 408 -16.41 -38.99 1.83
C THR A 408 -17.59 -39.99 1.62
N PHE A 409 -17.89 -40.32 0.34
CA PHE A 409 -18.99 -41.23 -0.06
C PHE A 409 -18.84 -42.67 0.50
N PRO A 410 -19.97 -43.29 0.93
CA PRO A 410 -19.88 -44.67 1.43
C PRO A 410 -19.74 -45.69 0.30
N ILE A 411 -18.84 -46.71 0.48
CA ILE A 411 -18.60 -47.78 -0.50
C ILE A 411 -19.92 -48.54 -0.77
N PRO A 412 -20.38 -48.59 -2.03
CA PRO A 412 -21.72 -49.18 -2.28
C PRO A 412 -21.79 -50.72 -2.34
N LYS A 413 -23.04 -51.20 -2.32
CA LYS A 413 -23.45 -52.60 -2.39
C LYS A 413 -23.83 -52.84 -3.85
N ALA A 414 -24.91 -52.19 -4.33
CA ALA A 414 -25.33 -52.22 -5.72
C ALA A 414 -24.80 -50.92 -6.39
N PHE A 415 -24.91 -50.80 -7.74
CA PHE A 415 -24.47 -49.62 -8.48
C PHE A 415 -25.33 -48.41 -8.09
N VAL A 416 -24.66 -47.30 -7.68
CA VAL A 416 -25.28 -46.06 -7.22
C VAL A 416 -25.01 -44.85 -8.19
N GLY A 417 -23.79 -44.76 -8.73
CA GLY A 417 -23.37 -43.71 -9.67
C GLY A 417 -23.21 -42.32 -9.10
N ASN A 418 -22.35 -42.20 -8.05
CA ASN A 418 -22.14 -40.93 -7.34
C ASN A 418 -21.34 -39.87 -8.11
N GLN A 419 -20.66 -40.27 -9.21
CA GLN A 419 -19.88 -39.33 -10.02
C GLN A 419 -20.63 -38.81 -11.21
N LEU A 420 -21.82 -39.34 -11.48
CA LEU A 420 -22.64 -38.90 -12.62
C LEU A 420 -23.15 -37.43 -12.55
N PRO A 421 -23.44 -36.81 -11.38
CA PRO A 421 -23.98 -35.45 -11.43
C PRO A 421 -22.87 -34.39 -11.55
N PHE A 422 -21.60 -34.81 -11.75
CA PHE A 422 -20.43 -33.95 -11.90
C PHE A 422 -19.80 -34.05 -13.30
N VAL A 423 -20.30 -35.00 -14.13
CA VAL A 423 -19.87 -35.24 -15.51
C VAL A 423 -20.11 -33.97 -16.33
N GLY A 424 -19.01 -33.38 -16.79
CA GLY A 424 -19.06 -32.16 -17.58
C GLY A 424 -18.39 -30.97 -16.95
N PHE A 425 -17.97 -31.10 -15.69
CA PHE A 425 -17.33 -30.03 -14.93
C PHE A 425 -15.95 -29.64 -15.46
N THR A 426 -15.01 -30.58 -15.57
CA THR A 426 -13.67 -30.29 -16.07
C THR A 426 -13.67 -29.28 -17.25
N TYR A 427 -12.83 -28.24 -17.15
CA TYR A 427 -12.60 -27.20 -18.16
C TYR A 427 -11.08 -27.15 -18.31
N TYR A 428 -10.53 -28.11 -19.08
CA TYR A 428 -9.08 -28.33 -19.30
C TYR A 428 -8.73 -28.51 -20.79
N SER A 429 -9.28 -29.56 -21.43
CA SER A 429 -8.97 -29.86 -22.83
C SER A 429 -9.65 -28.85 -23.76
N ASN A 430 -10.94 -28.50 -23.49
CA ASN A 430 -11.67 -27.57 -24.36
C ASN A 430 -12.04 -26.27 -23.67
N ARG A 431 -11.16 -25.28 -23.74
CA ARG A 431 -11.36 -23.95 -23.12
C ARG A 431 -11.32 -22.83 -24.19
N ARG A 432 -11.76 -21.60 -23.83
CA ARG A 432 -11.69 -20.43 -24.73
C ARG A 432 -10.84 -19.32 -24.16
N PHE B 35 45.84 30.79 34.86
CA PHE B 35 46.76 29.75 34.33
C PHE B 35 46.21 28.36 34.52
N GLU B 36 45.75 28.04 35.73
CA GLU B 36 45.20 26.73 36.01
C GLU B 36 43.87 26.60 35.23
N THR B 37 43.08 27.72 35.15
CA THR B 37 41.83 27.79 34.39
C THR B 37 42.12 27.68 32.87
N ARG B 38 43.14 28.41 32.38
CA ARG B 38 43.57 28.40 30.98
C ARG B 38 44.10 27.03 30.57
N PHE B 39 44.56 26.23 31.54
CA PHE B 39 45.11 24.89 31.25
C PHE B 39 43.93 23.96 31.11
N GLU B 40 42.99 24.12 32.04
CA GLU B 40 41.79 23.30 32.14
C GLU B 40 40.85 23.56 30.99
N LYS B 41 40.70 24.86 30.56
CA LYS B 41 39.89 25.26 29.39
C LYS B 41 40.39 24.47 28.16
N MET B 42 41.69 24.60 27.86
CA MET B 42 42.31 23.88 26.77
C MET B 42 42.06 22.37 26.84
N ASP B 43 42.07 21.82 28.03
CA ASP B 43 41.95 20.39 28.22
C ASP B 43 40.53 19.89 28.03
N ASN B 44 39.55 20.64 28.58
CA ASN B 44 38.12 20.35 28.46
C ASN B 44 37.77 20.45 26.98
N LEU B 45 38.34 21.49 26.30
CA LEU B 45 38.20 21.74 24.88
C LEU B 45 38.53 20.52 24.01
N LEU B 46 39.63 19.83 24.29
CA LEU B 46 40.08 18.64 23.54
C LEU B 46 39.11 17.43 23.54
N ARG B 47 38.05 17.53 24.37
CA ARG B 47 37.04 16.49 24.53
C ARG B 47 35.60 16.99 24.34
N ASP B 48 35.41 18.31 24.17
CA ASP B 48 34.09 18.87 23.91
C ASP B 48 33.67 18.49 22.46
N PRO B 49 32.61 17.65 22.28
CA PRO B 49 32.24 17.23 20.91
C PRO B 49 31.66 18.36 20.05
N LYS B 50 31.15 19.43 20.70
CA LYS B 50 30.61 20.61 20.05
C LYS B 50 31.74 21.60 19.72
N SER B 51 33.01 21.26 20.06
CA SER B 51 34.18 22.13 19.82
C SER B 51 34.93 21.76 18.58
N GLU B 52 35.28 22.80 17.81
CA GLU B 52 36.05 22.79 16.56
C GLU B 52 37.47 22.19 16.73
N VAL B 53 37.95 22.03 17.98
CA VAL B 53 39.28 21.49 18.25
C VAL B 53 39.27 20.20 19.09
N ASN B 54 38.18 19.44 19.04
CA ASN B 54 38.07 18.12 19.65
C ASN B 54 39.17 17.26 18.97
N SER B 55 39.85 16.38 19.70
CA SER B 55 40.91 15.54 19.16
C SER B 55 40.60 14.91 17.77
N ASP B 56 39.34 14.46 17.54
CA ASP B 56 38.91 13.90 16.23
C ASP B 56 39.11 14.94 15.11
N CYS B 57 38.73 16.22 15.33
CA CYS B 57 38.98 17.30 14.38
C CYS B 57 40.47 17.60 14.27
N LEU B 58 41.25 17.40 15.36
CA LEU B 58 42.67 17.70 15.29
C LEU B 58 43.37 16.64 14.50
N LEU B 59 42.95 15.39 14.69
CA LEU B 59 43.47 14.25 13.94
C LEU B 59 43.05 14.38 12.48
N ASP B 60 41.89 15.06 12.21
CA ASP B 60 41.40 15.26 10.83
C ASP B 60 42.46 16.03 10.04
N GLY B 61 42.77 17.25 10.52
CA GLY B 61 43.76 18.14 9.94
C GLY B 61 45.09 17.48 9.69
N LEU B 62 45.47 16.56 10.58
CA LEU B 62 46.74 15.87 10.45
C LEU B 62 46.74 14.80 9.36
N ASP B 63 45.70 13.94 9.30
CA ASP B 63 45.61 12.91 8.27
C ASP B 63 45.33 13.56 6.87
N ALA B 64 44.76 14.80 6.90
CA ALA B 64 44.46 15.64 5.73
C ALA B 64 45.74 16.19 5.16
N LEU B 65 46.66 16.65 6.02
CA LEU B 65 47.98 17.21 5.69
C LEU B 65 48.83 16.13 5.05
N VAL B 66 48.66 14.87 5.46
CA VAL B 66 49.38 13.75 4.89
C VAL B 66 48.83 13.44 3.49
N TYR B 67 47.48 13.36 3.33
CA TYR B 67 46.86 13.07 2.00
C TYR B 67 47.35 14.14 0.99
N ASP B 68 47.09 15.42 1.29
CA ASP B 68 47.40 16.60 0.47
C ASP B 68 48.89 16.87 0.18
N LEU B 69 49.82 16.05 0.69
CA LEU B 69 51.23 16.33 0.46
C LEU B 69 52.03 15.15 -0.05
N ASP B 70 51.53 13.91 0.17
CA ASP B 70 52.20 12.68 -0.24
C ASP B 70 52.13 12.46 -1.76
N PHE B 71 52.88 13.27 -2.53
CA PHE B 71 52.99 13.22 -4.00
C PHE B 71 54.42 13.52 -4.44
N PRO B 72 54.96 12.80 -5.46
CA PRO B 72 56.37 13.00 -5.88
C PRO B 72 56.83 14.45 -6.05
N ALA B 73 55.97 15.30 -6.63
CA ALA B 73 56.23 16.71 -6.89
C ALA B 73 56.50 17.53 -5.62
N LEU B 74 55.74 17.26 -4.55
CA LEU B 74 55.82 18.00 -3.29
C LEU B 74 56.91 17.45 -2.35
N ARG B 75 57.26 16.16 -2.48
CA ARG B 75 58.32 15.50 -1.69
C ARG B 75 59.74 15.98 -2.13
N LYS B 76 59.78 16.99 -3.04
CA LYS B 76 60.99 17.65 -3.55
C LYS B 76 61.36 18.83 -2.63
N ASN B 77 60.53 19.06 -1.60
CA ASN B 77 60.72 20.07 -0.56
C ASN B 77 61.09 19.27 0.69
N LYS B 78 62.28 19.53 1.25
CA LYS B 78 62.83 18.82 2.41
C LYS B 78 61.88 18.83 3.63
N ASN B 79 61.24 20.00 3.94
CA ASN B 79 60.28 20.15 5.03
C ASN B 79 59.17 19.13 4.85
N ILE B 80 58.41 19.25 3.73
CA ILE B 80 57.34 18.34 3.32
C ILE B 80 57.80 16.89 3.38
N ASP B 81 58.94 16.57 2.71
CA ASP B 81 59.51 15.23 2.69
C ASP B 81 59.75 14.64 4.06
N ASN B 82 60.47 15.38 4.93
CA ASN B 82 60.83 14.96 6.27
C ASN B 82 59.63 14.82 7.18
N PHE B 83 58.72 15.83 7.22
CA PHE B 83 57.48 15.78 8.04
C PHE B 83 56.72 14.51 7.70
N LEU B 84 56.58 14.22 6.39
CA LEU B 84 55.89 13.05 5.88
C LEU B 84 56.55 11.78 6.33
N SER B 85 57.87 11.64 6.14
CA SER B 85 58.66 10.47 6.56
C SER B 85 58.43 10.17 8.05
N ARG B 86 58.40 11.27 8.87
CA ARG B 86 58.22 11.28 10.32
C ARG B 86 56.83 10.83 10.79
N TYR B 87 55.75 11.30 10.14
CA TYR B 87 54.41 10.98 10.59
C TYR B 87 53.60 10.02 9.69
N LYS B 88 54.15 9.56 8.55
CA LYS B 88 53.48 8.64 7.62
C LYS B 88 52.91 7.41 8.35
N ASP B 89 53.81 6.51 8.80
CA ASP B 89 53.49 5.26 9.48
C ASP B 89 52.64 5.38 10.74
N THR B 90 52.80 6.45 11.51
CA THR B 90 52.03 6.62 12.75
C THR B 90 50.59 7.12 12.47
N ILE B 91 50.36 7.87 11.38
CA ILE B 91 49.02 8.36 11.01
C ILE B 91 48.22 7.24 10.35
N ASN B 92 48.90 6.31 9.64
CA ASN B 92 48.23 5.17 9.04
C ASN B 92 47.85 4.17 10.17
N LYS B 93 48.57 4.25 11.33
CA LYS B 93 48.27 3.46 12.52
C LYS B 93 46.98 4.03 13.09
N ILE B 94 46.87 5.36 13.10
CA ILE B 94 45.72 6.13 13.57
C ILE B 94 44.50 5.81 12.71
N ARG B 95 44.69 5.77 11.37
CA ARG B 95 43.67 5.47 10.35
C ARG B 95 43.05 4.09 10.69
N ASP B 96 43.90 3.08 10.92
CA ASP B 96 43.53 1.71 11.26
C ASP B 96 42.69 1.56 12.53
N LEU B 97 42.92 2.41 13.54
CA LEU B 97 42.17 2.33 14.79
C LEU B 97 40.87 3.08 14.71
N ARG B 98 40.88 4.26 14.06
CA ARG B 98 39.69 5.11 13.90
C ARG B 98 38.65 4.46 12.98
N MET B 99 37.38 4.95 13.04
CA MET B 99 36.27 4.44 12.22
C MET B 99 36.61 4.59 10.75
N LYS B 100 36.40 3.50 10.00
CA LYS B 100 36.62 3.38 8.56
C LYS B 100 35.40 2.70 7.94
N ALA B 101 35.14 2.92 6.65
CA ALA B 101 33.98 2.34 5.96
C ALA B 101 33.91 0.81 6.06
N GLU B 102 35.07 0.12 5.93
CA GLU B 102 35.19 -1.34 5.98
C GLU B 102 34.92 -1.95 7.37
N ASP B 103 34.30 -1.19 8.28
CA ASP B 103 33.88 -1.63 9.61
C ASP B 103 32.38 -1.90 9.50
N TYR B 104 31.82 -1.66 8.30
CA TYR B 104 30.40 -1.80 8.00
C TYR B 104 30.17 -2.69 6.79
N GLU B 105 29.14 -3.55 6.88
CA GLU B 105 28.68 -4.39 5.79
C GLU B 105 27.52 -3.63 5.15
N VAL B 106 27.65 -3.34 3.84
CA VAL B 106 26.66 -2.58 3.08
C VAL B 106 25.54 -3.55 2.56
N VAL B 107 24.40 -3.55 3.26
CA VAL B 107 23.21 -4.39 2.98
C VAL B 107 22.48 -4.02 1.65
N LYS B 108 22.04 -2.75 1.48
CA LYS B 108 21.32 -2.30 0.28
C LYS B 108 21.35 -0.76 0.20
N VAL B 109 21.40 -0.17 -1.03
CA VAL B 109 21.31 1.27 -1.26
C VAL B 109 19.82 1.61 -1.13
N ILE B 110 19.45 2.27 -0.04
CA ILE B 110 18.05 2.56 0.29
C ILE B 110 17.63 3.97 -0.10
N GLY B 111 18.56 4.73 -0.65
CA GLY B 111 18.32 6.10 -1.07
C GLY B 111 19.43 6.64 -1.94
N ARG B 112 19.12 7.68 -2.73
CA ARG B 112 20.10 8.34 -3.59
C ARG B 112 19.84 9.85 -3.56
N GLY B 113 20.91 10.60 -3.82
CA GLY B 113 20.87 12.06 -3.85
C GLY B 113 21.93 12.62 -4.77
N ALA B 114 21.85 13.94 -5.00
CA ALA B 114 22.74 14.73 -5.84
C ALA B 114 24.27 14.57 -5.61
N PHE B 115 24.73 14.08 -4.43
CA PHE B 115 26.18 13.98 -4.15
C PHE B 115 26.63 12.64 -3.57
N GLY B 116 25.71 11.68 -3.49
CA GLY B 116 25.98 10.33 -3.03
C GLY B 116 24.74 9.49 -2.86
N GLU B 117 24.74 8.67 -1.81
CA GLU B 117 23.63 7.79 -1.52
C GLU B 117 23.52 7.45 -0.01
N VAL B 118 22.32 7.04 0.39
CA VAL B 118 21.99 6.56 1.72
C VAL B 118 21.99 5.03 1.53
N GLN B 119 22.73 4.29 2.34
CA GLN B 119 22.73 2.83 2.25
C GLN B 119 22.48 2.17 3.60
N LEU B 120 21.69 1.10 3.66
CA LEU B 120 21.44 0.39 4.90
C LEU B 120 22.69 -0.40 5.19
N VAL B 121 23.21 -0.24 6.41
CA VAL B 121 24.47 -0.84 6.83
C VAL B 121 24.39 -1.51 8.20
N ARG B 122 25.27 -2.49 8.43
CA ARG B 122 25.35 -3.18 9.72
C ARG B 122 26.80 -3.09 10.21
N HIS B 123 26.98 -2.71 11.49
CA HIS B 123 28.33 -2.61 12.04
C HIS B 123 28.84 -4.04 12.24
N LYS B 124 29.90 -4.40 11.49
CA LYS B 124 30.48 -5.74 11.52
C LYS B 124 30.60 -6.34 12.94
N SER B 125 31.09 -5.55 13.91
CA SER B 125 31.22 -5.96 15.31
C SER B 125 29.85 -6.01 15.98
N THR B 126 29.29 -4.81 16.30
CA THR B 126 28.01 -4.54 16.99
C THR B 126 26.83 -5.39 16.51
N ARG B 127 26.83 -5.75 15.20
CA ARG B 127 25.75 -6.49 14.52
C ARG B 127 24.45 -5.65 14.55
N LYS B 128 24.62 -4.31 14.80
CA LYS B 128 23.57 -3.26 14.87
C LYS B 128 23.40 -2.64 13.49
N VAL B 129 22.15 -2.27 13.16
CA VAL B 129 21.82 -1.73 11.83
C VAL B 129 21.56 -0.20 11.84
N TYR B 130 22.18 0.50 10.86
CA TYR B 130 22.10 1.95 10.68
C TYR B 130 21.87 2.35 9.23
N ALA B 131 21.39 3.58 9.02
CA ALA B 131 21.28 4.16 7.70
C ALA B 131 22.50 5.07 7.66
N MET B 132 23.40 4.88 6.71
CA MET B 132 24.62 5.68 6.59
C MET B 132 24.68 6.40 5.26
N LYS B 133 24.72 7.76 5.30
CA LYS B 133 24.76 8.68 4.14
C LYS B 133 26.18 8.96 3.65
N LEU B 134 26.37 8.94 2.33
CA LEU B 134 27.67 9.21 1.69
C LEU B 134 27.64 10.48 0.82
N LEU B 135 28.68 11.30 0.94
CA LEU B 135 28.82 12.53 0.16
C LEU B 135 30.20 12.46 -0.51
N SER B 136 30.25 12.64 -1.83
CA SER B 136 31.52 12.52 -2.55
C SER B 136 32.35 13.80 -2.49
N LYS B 137 33.56 13.69 -1.91
CA LYS B 137 34.47 14.83 -1.76
C LYS B 137 34.75 15.47 -3.12
N PHE B 138 35.13 14.62 -4.11
CA PHE B 138 35.42 15.04 -5.47
C PHE B 138 34.23 15.74 -6.16
N GLU B 139 33.01 15.15 -6.04
CA GLU B 139 31.78 15.72 -6.59
C GLU B 139 31.44 17.07 -5.96
N MET B 140 31.82 17.27 -4.68
CA MET B 140 31.61 18.52 -3.94
C MET B 140 32.80 19.50 -4.13
N ALA B 147 30.21 22.33 2.19
CA ALA B 147 29.77 23.37 3.12
C ALA B 147 28.34 23.18 3.69
N PHE B 148 27.42 22.61 2.89
CA PHE B 148 26.00 22.37 3.26
C PHE B 148 25.87 21.33 4.38
N PHE B 149 26.87 20.43 4.42
CA PHE B 149 26.96 19.31 5.32
C PHE B 149 27.32 19.70 6.75
N TRP B 150 27.81 20.93 6.98
CA TRP B 150 28.15 21.36 8.34
C TRP B 150 26.93 21.45 9.23
N GLU B 151 25.89 22.17 8.79
CA GLU B 151 24.63 22.29 9.55
C GLU B 151 23.83 20.97 9.59
N GLU B 152 23.96 20.10 8.57
CA GLU B 152 23.29 18.79 8.61
C GLU B 152 23.87 17.93 9.74
N ARG B 153 25.21 17.87 9.85
CA ARG B 153 25.91 17.11 10.90
C ARG B 153 25.54 17.60 12.30
N ASP B 154 25.68 18.92 12.56
CA ASP B 154 25.37 19.51 13.87
C ASP B 154 23.89 19.28 14.28
N ILE B 155 22.92 19.53 13.37
CA ILE B 155 21.50 19.31 13.65
C ILE B 155 21.29 17.85 14.10
N MET B 156 21.77 16.89 13.30
CA MET B 156 21.56 15.48 13.60
C MET B 156 22.26 15.04 14.88
N ALA B 157 23.54 15.46 15.06
CA ALA B 157 24.34 15.09 16.23
C ALA B 157 23.90 15.73 17.54
N PHE B 158 23.46 17.01 17.51
CA PHE B 158 23.13 17.73 18.74
C PHE B 158 21.67 18.14 18.91
N ALA B 159 20.76 17.73 18.02
CA ALA B 159 19.37 18.13 18.20
C ALA B 159 18.78 17.57 19.46
N ASN B 160 19.04 16.27 19.69
CA ASN B 160 18.52 15.49 20.80
C ASN B 160 16.98 15.61 20.93
N SER B 161 16.28 15.33 19.80
CA SER B 161 14.83 15.41 19.72
C SER B 161 14.25 14.12 19.19
N PRO B 162 13.02 13.74 19.65
CA PRO B 162 12.40 12.53 19.10
C PRO B 162 11.85 12.81 17.67
N TRP B 163 12.04 14.05 17.18
CA TRP B 163 11.59 14.56 15.91
C TRP B 163 12.69 14.67 14.87
N VAL B 164 13.93 14.40 15.26
CA VAL B 164 15.10 14.52 14.38
C VAL B 164 15.86 13.20 14.34
N VAL B 165 16.30 12.79 13.15
CA VAL B 165 17.06 11.56 12.98
C VAL B 165 18.42 11.80 13.63
N GLN B 166 18.80 10.91 14.55
CA GLN B 166 20.03 10.94 15.32
C GLN B 166 21.30 10.63 14.50
N LEU B 167 22.40 11.34 14.78
CA LEU B 167 23.68 11.08 14.13
C LEU B 167 24.56 10.41 15.20
N PHE B 168 24.98 9.16 14.97
CA PHE B 168 25.78 8.44 15.96
C PHE B 168 27.23 8.66 15.71
N TYR B 169 27.62 8.67 14.45
CA TYR B 169 28.99 8.89 14.04
C TYR B 169 29.01 9.68 12.72
N ALA B 170 30.11 10.40 12.50
CA ALA B 170 30.42 11.13 11.29
C ALA B 170 31.91 10.84 11.07
N PHE B 171 32.27 10.24 9.94
CA PHE B 171 33.68 9.93 9.69
C PHE B 171 34.07 10.31 8.28
N GLN B 172 35.25 9.86 7.82
CA GLN B 172 35.75 10.18 6.48
C GLN B 172 36.96 9.38 6.04
N ASP B 173 37.12 9.28 4.74
CA ASP B 173 38.26 8.65 4.09
C ASP B 173 38.71 9.64 3.02
N ASP B 174 39.58 9.23 2.10
CA ASP B 174 40.09 10.14 1.09
C ASP B 174 39.00 10.65 0.11
N ARG B 175 38.04 9.78 -0.23
CA ARG B 175 37.02 10.06 -1.23
C ARG B 175 35.64 10.52 -0.70
N TYR B 176 35.17 9.97 0.43
CA TYR B 176 33.83 10.29 0.95
C TYR B 176 33.75 10.72 2.41
N LEU B 177 32.61 11.36 2.75
CA LEU B 177 32.19 11.81 4.07
C LEU B 177 31.03 10.89 4.47
N TYR B 178 31.17 10.16 5.57
CA TYR B 178 30.14 9.25 6.06
C TYR B 178 29.39 9.82 7.25
N MET B 179 28.07 9.61 7.31
CA MET B 179 27.20 10.08 8.37
C MET B 179 26.33 8.92 8.75
N VAL B 180 26.59 8.31 9.92
CA VAL B 180 25.88 7.14 10.42
C VAL B 180 24.66 7.56 11.28
N MET B 181 23.45 7.30 10.79
CA MET B 181 22.20 7.66 11.45
C MET B 181 21.37 6.49 11.97
N GLU B 182 20.33 6.80 12.80
CA GLU B 182 19.39 5.80 13.23
C GLU B 182 18.55 5.46 11.98
N TYR B 183 18.34 4.16 11.68
CA TYR B 183 17.57 3.74 10.52
C TYR B 183 16.06 3.85 10.77
N MET B 184 15.35 4.52 9.85
CA MET B 184 13.90 4.75 9.88
C MET B 184 13.19 3.71 8.98
N PRO B 185 12.67 2.59 9.54
CA PRO B 185 12.17 1.51 8.67
C PRO B 185 10.81 1.72 7.99
N GLY B 186 10.05 2.71 8.42
CA GLY B 186 8.75 3.03 7.83
C GLY B 186 8.81 3.77 6.49
N GLY B 187 9.99 4.21 6.07
CA GLY B 187 10.14 4.94 4.81
C GLY B 187 9.60 6.35 4.86
N ASP B 188 9.69 7.09 3.74
CA ASP B 188 9.23 8.48 3.68
C ASP B 188 7.72 8.65 3.44
N LEU B 189 7.27 9.90 3.31
CA LEU B 189 5.87 10.23 3.09
C LEU B 189 5.48 10.19 1.61
N VAL B 190 6.48 10.10 0.72
CA VAL B 190 6.29 9.98 -0.73
C VAL B 190 5.67 8.59 -0.94
N ASN B 191 6.36 7.58 -0.38
CA ASN B 191 5.97 6.19 -0.39
C ASN B 191 4.57 6.04 0.23
N LEU B 192 4.31 6.69 1.39
CA LEU B 192 2.99 6.66 2.01
C LEU B 192 1.92 7.23 1.07
N MET B 193 2.21 8.35 0.39
CA MET B 193 1.23 8.98 -0.47
C MET B 193 0.94 8.20 -1.73
N SER B 194 1.90 7.34 -2.15
CA SER B 194 1.77 6.43 -3.28
C SER B 194 0.80 5.28 -2.94
N ASN B 195 1.00 4.66 -1.79
CA ASN B 195 0.20 3.50 -1.38
C ASN B 195 -1.15 3.82 -0.69
N TYR B 196 -1.58 5.11 -0.64
CA TYR B 196 -2.86 5.49 0.00
C TYR B 196 -3.42 6.77 -0.54
N ASP B 197 -4.75 6.90 -0.50
CA ASP B 197 -5.42 8.15 -0.84
C ASP B 197 -5.65 8.75 0.54
N VAL B 198 -4.59 9.31 1.11
CA VAL B 198 -4.47 9.83 2.47
C VAL B 198 -5.77 10.45 3.05
N PRO B 199 -6.46 9.74 3.99
CA PRO B 199 -7.66 10.33 4.63
C PRO B 199 -7.26 11.48 5.54
N GLU B 200 -8.20 12.43 5.76
CA GLU B 200 -7.96 13.64 6.54
C GLU B 200 -7.38 13.38 7.92
N LYS B 201 -8.01 12.46 8.69
CA LYS B 201 -7.60 12.11 10.06
C LYS B 201 -6.14 11.70 10.09
N TRP B 202 -5.66 11.06 9.00
CA TRP B 202 -4.26 10.68 8.82
C TRP B 202 -3.43 11.94 8.49
N ALA B 203 -3.96 12.80 7.58
CA ALA B 203 -3.31 14.04 7.17
C ALA B 203 -3.01 14.90 8.41
N ARG B 204 -4.03 15.13 9.27
CA ARG B 204 -3.96 15.89 10.51
C ARG B 204 -2.81 15.40 11.41
N PHE B 205 -2.73 14.08 11.67
CA PHE B 205 -1.65 13.50 12.47
C PHE B 205 -0.28 13.84 11.88
N TYR B 206 -0.08 13.57 10.59
CA TYR B 206 1.20 13.82 9.93
C TYR B 206 1.52 15.32 9.86
N THR B 207 0.49 16.19 9.72
CA THR B 207 0.66 17.65 9.73
C THR B 207 1.15 18.12 11.12
N ALA B 208 0.41 17.74 12.20
CA ALA B 208 0.76 18.07 13.58
C ALA B 208 2.18 17.60 13.93
N GLU B 209 2.61 16.46 13.39
CA GLU B 209 3.99 16.02 13.61
C GLU B 209 4.99 16.91 12.86
N VAL B 210 4.69 17.38 11.61
CA VAL B 210 5.66 18.26 10.90
C VAL B 210 5.76 19.60 11.62
N VAL B 211 4.60 20.13 12.09
CA VAL B 211 4.49 21.35 12.88
C VAL B 211 5.48 21.24 14.07
N LEU B 212 5.31 20.19 14.92
CA LEU B 212 6.18 19.96 16.08
C LEU B 212 7.65 19.72 15.70
N ALA B 213 7.93 18.89 14.69
CA ALA B 213 9.33 18.64 14.27
C ALA B 213 9.99 19.91 13.73
N LEU B 214 9.20 20.79 13.07
CA LEU B 214 9.77 22.02 12.54
C LEU B 214 10.05 22.97 13.66
N ASP B 215 9.09 23.14 14.60
CA ASP B 215 9.29 23.99 15.78
C ASP B 215 10.51 23.59 16.61
N ALA B 216 10.83 22.31 16.66
CA ALA B 216 12.03 21.79 17.32
C ALA B 216 13.27 22.22 16.54
N ILE B 217 13.17 22.28 15.21
CA ILE B 217 14.27 22.69 14.36
C ILE B 217 14.44 24.21 14.50
N HIS B 218 13.32 24.92 14.60
CA HIS B 218 13.20 26.36 14.76
C HIS B 218 13.85 26.80 16.08
N SER B 219 13.49 26.10 17.19
CA SER B 219 14.03 26.31 18.53
C SER B 219 15.53 26.03 18.61
N MET B 220 16.06 25.17 17.73
CA MET B 220 17.51 24.92 17.67
C MET B 220 18.24 26.08 17.02
N GLY B 221 17.48 26.98 16.39
CA GLY B 221 18.02 28.16 15.71
C GLY B 221 18.15 28.07 14.19
N PHE B 222 17.49 27.08 13.56
CA PHE B 222 17.54 26.88 12.12
C PHE B 222 16.19 27.05 11.42
N ILE B 223 16.28 27.43 10.15
CA ILE B 223 15.16 27.51 9.23
C ILE B 223 15.46 26.43 8.15
N HIS B 224 14.43 25.62 7.80
CA HIS B 224 14.56 24.51 6.86
C HIS B 224 14.69 25.00 5.45
N ARG B 225 13.73 25.84 5.01
CA ARG B 225 13.69 26.50 3.69
C ARG B 225 12.99 25.69 2.59
N ASP B 226 13.10 24.33 2.64
CA ASP B 226 12.57 23.40 1.64
C ASP B 226 12.16 22.08 2.29
N VAL B 227 11.13 22.15 3.15
CA VAL B 227 10.60 20.98 3.83
C VAL B 227 9.63 20.29 2.90
N LYS B 228 9.99 19.07 2.46
CA LYS B 228 9.21 18.27 1.51
C LYS B 228 9.05 16.81 1.98
N PRO B 229 8.06 16.01 1.47
CA PRO B 229 7.88 14.63 1.96
C PRO B 229 9.11 13.74 1.96
N ASP B 230 10.04 13.97 1.05
CA ASP B 230 11.29 13.22 0.93
C ASP B 230 12.09 13.26 2.25
N ASN B 231 11.81 14.29 3.11
CA ASN B 231 12.45 14.62 4.41
C ASN B 231 11.69 14.04 5.60
N MET B 232 10.45 13.62 5.39
CA MET B 232 9.56 13.09 6.40
C MET B 232 9.62 11.57 6.46
N LEU B 233 10.55 11.03 7.27
CA LEU B 233 10.79 9.59 7.50
C LEU B 233 9.95 9.06 8.65
N LEU B 234 9.61 7.75 8.61
CA LEU B 234 8.78 7.08 9.59
C LEU B 234 9.57 5.98 10.28
N ASP B 235 9.44 5.91 11.62
CA ASP B 235 10.18 4.95 12.47
C ASP B 235 9.37 3.67 12.65
N LYS B 236 9.92 2.67 13.37
CA LYS B 236 9.27 1.39 13.63
C LYS B 236 7.85 1.50 14.18
N SER B 237 7.44 2.66 14.72
CA SER B 237 6.11 2.91 15.27
C SER B 237 5.21 3.76 14.37
N GLY B 238 5.74 4.06 13.18
CA GLY B 238 5.12 4.89 12.15
C GLY B 238 4.99 6.37 12.47
N HIS B 239 5.86 6.88 13.40
CA HIS B 239 5.95 8.27 13.88
C HIS B 239 7.05 9.01 13.12
N LEU B 240 6.82 10.31 12.84
CA LEU B 240 7.71 11.16 12.05
C LEU B 240 9.07 11.52 12.67
N LYS B 241 10.03 11.84 11.82
CA LYS B 241 11.38 12.32 12.14
C LYS B 241 11.89 12.94 10.85
N LEU B 242 12.30 14.23 10.86
CA LEU B 242 12.84 14.92 9.69
C LEU B 242 14.24 14.39 9.40
N ALA B 243 14.69 14.33 8.10
CA ALA B 243 16.02 13.74 7.80
C ALA B 243 16.96 14.44 6.74
N ASP B 244 16.50 15.32 5.87
CA ASP B 244 17.54 15.87 4.97
C ASP B 244 17.75 17.37 5.27
N PHE B 245 18.86 17.67 5.98
CA PHE B 245 19.08 19.04 6.49
C PHE B 245 20.04 19.90 5.66
N GLY B 246 20.39 19.45 4.47
CA GLY B 246 21.27 20.20 3.57
C GLY B 246 20.71 21.54 3.11
N THR B 247 19.39 21.71 3.23
CA THR B 247 18.65 22.90 2.83
C THR B 247 18.56 23.90 4.00
N CYS B 248 18.86 23.44 5.23
CA CYS B 248 18.84 24.22 6.47
C CYS B 248 19.96 25.23 6.57
N MET B 249 19.65 26.32 7.27
CA MET B 249 20.54 27.43 7.52
C MET B 249 20.27 28.03 8.89
N LYS B 250 21.36 28.49 9.55
CA LYS B 250 21.32 29.10 10.88
C LYS B 250 20.73 30.51 10.83
N MET B 251 19.81 30.81 11.74
CA MET B 251 19.17 32.14 11.82
C MET B 251 20.19 33.17 12.29
N ASN B 252 19.96 34.46 11.99
CA ASN B 252 20.83 35.54 12.47
C ASN B 252 20.27 36.06 13.81
N LYS B 253 20.80 37.21 14.28
CA LYS B 253 20.44 37.96 15.50
C LYS B 253 18.91 38.19 15.66
N GLU B 254 18.23 38.60 14.57
CA GLU B 254 16.79 38.87 14.53
C GLU B 254 15.98 37.64 14.08
N GLY B 255 16.67 36.50 13.94
CA GLY B 255 16.10 35.20 13.55
C GLY B 255 15.75 35.06 12.08
N MET B 256 16.61 35.61 11.20
CA MET B 256 16.42 35.62 9.73
C MET B 256 17.59 34.98 8.97
N VAL B 257 17.33 34.60 7.71
CA VAL B 257 18.29 33.98 6.79
C VAL B 257 18.19 34.71 5.45
N ARG B 258 19.34 34.82 4.77
CA ARG B 258 19.53 35.35 3.43
C ARG B 258 20.42 34.34 2.68
N CYS B 259 20.06 34.01 1.44
CA CYS B 259 20.85 33.08 0.65
C CYS B 259 20.91 33.44 -0.83
N ASP B 260 22.09 33.24 -1.46
CA ASP B 260 22.33 33.54 -2.86
C ASP B 260 22.21 32.32 -3.78
N THR B 261 22.50 31.11 -3.26
CA THR B 261 22.51 29.82 -3.96
C THR B 261 21.16 29.41 -4.55
N ALA B 262 21.21 28.72 -5.72
CA ALA B 262 20.10 28.20 -6.51
C ALA B 262 19.16 27.34 -5.67
N VAL B 263 17.87 27.38 -5.98
CA VAL B 263 16.81 26.73 -5.22
C VAL B 263 16.63 25.21 -5.49
N GLY B 264 16.52 24.81 -6.76
CA GLY B 264 16.25 23.43 -7.12
C GLY B 264 14.78 23.24 -7.46
N THR B 265 14.18 22.09 -7.08
CA THR B 265 12.75 21.82 -7.34
C THR B 265 11.93 22.82 -6.50
N PRO B 266 11.24 23.79 -7.14
CA PRO B 266 10.57 24.84 -6.36
C PRO B 266 9.28 24.45 -5.69
N ASP B 267 8.69 23.31 -6.09
CA ASP B 267 7.39 22.80 -5.65
C ASP B 267 6.93 23.18 -4.24
N TYR B 268 7.77 22.93 -3.22
CA TYR B 268 7.45 23.16 -1.81
C TYR B 268 8.04 24.47 -1.24
N ILE B 269 8.86 25.19 -2.05
CA ILE B 269 9.49 26.44 -1.65
C ILE B 269 8.49 27.58 -1.67
N SER B 270 8.63 28.48 -0.66
CA SER B 270 7.84 29.70 -0.39
C SER B 270 8.15 30.79 -1.43
N PRO B 271 7.26 31.80 -1.67
CA PRO B 271 7.61 32.84 -2.66
C PRO B 271 8.78 33.70 -2.22
N GLU B 272 8.98 33.88 -0.89
CA GLU B 272 10.07 34.68 -0.29
C GLU B 272 11.46 34.14 -0.57
N VAL B 273 11.66 32.81 -0.43
CA VAL B 273 12.95 32.16 -0.69
C VAL B 273 13.16 32.22 -2.22
N LEU B 274 12.07 32.06 -3.00
CA LEU B 274 12.11 32.10 -4.46
C LEU B 274 12.47 33.50 -4.98
N LYS B 275 12.02 34.56 -4.26
CA LYS B 275 12.29 35.99 -4.54
C LYS B 275 13.77 36.28 -4.30
N SER B 276 14.39 35.62 -3.28
CA SER B 276 15.79 35.77 -2.87
C SER B 276 16.81 35.25 -3.90
N GLN B 277 17.83 36.07 -4.09
CA GLN B 277 18.94 35.98 -5.04
C GLN B 277 20.30 35.68 -4.38
N GLY B 281 18.31 39.70 0.34
CA GLY B 281 16.93 39.40 0.71
C GLY B 281 16.83 38.45 1.90
N TYR B 282 16.15 38.89 2.98
CA TYR B 282 15.97 38.13 4.23
C TYR B 282 14.52 37.68 4.47
N TYR B 283 14.37 36.52 5.14
CA TYR B 283 13.08 35.88 5.48
C TYR B 283 13.30 35.07 6.77
N GLY B 284 12.22 34.56 7.39
CA GLY B 284 12.29 33.72 8.59
C GLY B 284 11.19 32.68 8.71
N ARG B 285 11.09 32.00 9.91
CA ARG B 285 10.08 31.01 10.40
C ARG B 285 8.96 30.73 9.36
N GLU B 286 8.07 31.72 9.12
CA GLU B 286 6.91 31.71 8.20
C GLU B 286 7.06 30.94 6.85
N CYS B 287 8.29 30.86 6.26
CA CYS B 287 8.56 30.16 5.01
C CYS B 287 8.39 28.64 5.19
N ASP B 288 8.88 28.08 6.32
CA ASP B 288 8.71 26.67 6.66
C ASP B 288 7.24 26.32 6.84
N TRP B 289 6.39 27.32 7.17
CA TRP B 289 4.98 27.10 7.32
C TRP B 289 4.28 27.05 5.99
N TRP B 290 4.83 27.72 4.95
CA TRP B 290 4.26 27.70 3.60
C TRP B 290 4.38 26.24 3.09
N SER B 291 5.60 25.68 3.17
CA SER B 291 5.95 24.31 2.80
C SER B 291 4.94 23.34 3.38
N VAL B 292 4.59 23.49 4.67
CA VAL B 292 3.64 22.65 5.41
C VAL B 292 2.31 22.68 4.72
N GLY B 293 1.82 23.88 4.39
CA GLY B 293 0.56 24.05 3.68
C GLY B 293 0.50 23.37 2.32
N VAL B 294 1.65 23.32 1.62
CA VAL B 294 1.79 22.63 0.31
C VAL B 294 1.53 21.13 0.53
N PHE B 295 2.24 20.55 1.52
CA PHE B 295 2.19 19.17 1.96
C PHE B 295 0.80 18.74 2.41
N LEU B 296 0.01 19.62 3.03
CA LEU B 296 -1.35 19.28 3.46
C LEU B 296 -2.25 19.20 2.23
N TYR B 297 -2.05 20.13 1.26
CA TYR B 297 -2.78 20.16 0.00
C TYR B 297 -2.47 18.87 -0.81
N GLU B 298 -1.18 18.44 -0.89
CA GLU B 298 -0.80 17.23 -1.60
C GLU B 298 -1.56 16.03 -1.10
N MET B 299 -1.41 15.72 0.20
CA MET B 299 -2.08 14.60 0.86
C MET B 299 -3.57 14.48 0.55
N LEU B 300 -4.29 15.62 0.49
CA LEU B 300 -5.73 15.64 0.26
C LEU B 300 -6.18 15.91 -1.20
N VAL B 301 -5.24 16.18 -2.11
CA VAL B 301 -5.60 16.50 -3.49
C VAL B 301 -4.85 15.61 -4.51
N GLY B 302 -3.79 14.95 -4.07
CA GLY B 302 -2.99 14.06 -4.92
C GLY B 302 -1.86 14.72 -5.67
N ASP B 303 -1.93 16.06 -5.87
CA ASP B 303 -0.89 16.85 -6.58
C ASP B 303 -0.54 18.06 -5.73
N THR B 304 0.62 18.72 -5.99
CA THR B 304 1.06 19.95 -5.31
C THR B 304 0.15 21.12 -5.81
N PRO B 305 -0.03 22.27 -5.09
CA PRO B 305 -0.96 23.30 -5.61
C PRO B 305 -0.46 24.12 -6.79
N PHE B 306 0.86 24.17 -6.99
CA PHE B 306 1.48 24.98 -8.04
C PHE B 306 2.26 24.10 -9.02
N TYR B 307 1.86 22.81 -9.12
CA TYR B 307 2.47 21.90 -10.08
C TYR B 307 2.20 22.40 -11.46
N ALA B 308 3.27 22.41 -12.22
CA ALA B 308 3.28 22.75 -13.61
C ALA B 308 4.34 21.88 -14.20
N ASP B 309 4.04 21.39 -15.37
CA ASP B 309 4.83 20.58 -16.28
C ASP B 309 6.32 20.95 -16.31
N SER B 310 6.64 22.25 -16.12
CA SER B 310 8.02 22.79 -16.12
C SER B 310 8.46 23.38 -14.77
N LEU B 311 9.79 23.44 -14.57
CA LEU B 311 10.38 24.09 -13.39
C LEU B 311 9.98 25.59 -13.41
N VAL B 312 10.33 26.30 -14.54
CA VAL B 312 10.02 27.71 -14.68
C VAL B 312 8.52 27.94 -14.52
N GLY B 313 7.70 27.05 -15.07
CA GLY B 313 6.26 27.11 -15.00
C GLY B 313 5.72 27.02 -13.59
N THR B 314 6.35 26.18 -12.76
CA THR B 314 5.97 25.99 -11.34
C THR B 314 6.29 27.30 -10.58
N TYR B 315 7.53 27.76 -10.68
CA TYR B 315 8.01 29.00 -10.10
C TYR B 315 7.00 30.14 -10.37
N SER B 316 6.56 30.27 -11.65
CA SER B 316 5.58 31.27 -12.06
C SER B 316 4.27 31.15 -11.31
N LYS B 317 3.82 29.92 -11.10
CA LYS B 317 2.57 29.65 -10.41
C LYS B 317 2.72 29.98 -8.94
N ILE B 318 3.93 29.75 -8.38
CA ILE B 318 4.23 30.11 -6.99
C ILE B 318 4.17 31.65 -6.82
N MET B 319 4.85 32.42 -7.72
CA MET B 319 4.80 33.87 -7.67
C MET B 319 3.38 34.38 -7.80
N ASN B 320 2.59 33.80 -8.72
CA ASN B 320 1.20 34.18 -8.96
C ASN B 320 0.26 33.39 -8.03
N HIS B 321 0.77 32.96 -6.85
CA HIS B 321 0.05 32.13 -5.87
C HIS B 321 -1.33 32.64 -5.45
N LYS B 322 -1.59 33.95 -5.43
CA LYS B 322 -2.93 34.32 -4.96
C LYS B 322 -4.01 34.23 -6.06
N ASN B 323 -3.62 33.77 -7.26
CA ASN B 323 -4.52 33.57 -8.40
C ASN B 323 -4.44 32.14 -8.91
N SER B 324 -3.27 31.50 -8.77
CA SER B 324 -3.03 30.14 -9.24
C SER B 324 -3.54 29.03 -8.28
N LEU B 325 -3.57 29.31 -6.95
CA LEU B 325 -4.07 28.40 -5.92
C LEU B 325 -5.59 28.18 -6.13
N THR B 326 -5.94 26.95 -6.56
CA THR B 326 -7.33 26.53 -6.82
C THR B 326 -7.65 25.22 -6.09
N PHE B 327 -8.88 25.10 -5.61
CA PHE B 327 -9.31 23.86 -4.99
C PHE B 327 -10.17 23.12 -6.01
N PRO B 328 -10.03 21.77 -6.13
CA PRO B 328 -10.78 21.05 -7.17
C PRO B 328 -12.30 21.17 -7.08
N ASP B 329 -12.98 20.86 -8.19
CA ASP B 329 -14.42 21.02 -8.30
C ASP B 329 -15.23 20.28 -7.23
N ASP B 330 -14.99 18.97 -7.06
CA ASP B 330 -15.71 18.20 -6.07
C ASP B 330 -14.73 17.55 -5.09
N ASN B 331 -14.14 18.39 -4.23
CA ASN B 331 -13.17 17.98 -3.23
C ASN B 331 -13.87 17.44 -1.97
N ASP B 332 -13.16 16.59 -1.24
CA ASP B 332 -13.60 15.95 0.01
C ASP B 332 -12.82 16.59 1.17
N ILE B 333 -12.43 17.86 0.96
CA ILE B 333 -11.68 18.67 1.90
C ILE B 333 -12.64 19.38 2.86
N SER B 334 -12.31 19.31 4.15
CA SER B 334 -13.01 19.93 5.27
C SER B 334 -13.01 21.42 5.09
N LYS B 335 -13.91 22.10 5.82
CA LYS B 335 -13.99 23.55 5.87
C LYS B 335 -12.73 24.00 6.62
N GLU B 336 -12.42 23.28 7.73
CA GLU B 336 -11.28 23.47 8.63
C GLU B 336 -9.95 23.27 7.95
N ALA B 337 -9.83 22.18 7.15
CA ALA B 337 -8.61 21.85 6.40
C ALA B 337 -8.34 22.87 5.29
N LYS B 338 -9.39 23.30 4.57
CA LYS B 338 -9.31 24.30 3.49
C LYS B 338 -8.81 25.68 4.00
N ASN B 339 -9.22 26.06 5.22
CA ASN B 339 -8.82 27.33 5.83
C ASN B 339 -7.36 27.28 6.26
N LEU B 340 -6.94 26.15 6.89
CA LEU B 340 -5.58 25.87 7.34
C LEU B 340 -4.59 25.84 6.18
N ILE B 341 -5.06 25.61 4.94
CA ILE B 341 -4.16 25.57 3.78
C ILE B 341 -3.94 26.99 3.36
N CYS B 342 -5.03 27.72 3.06
CA CYS B 342 -5.01 29.12 2.63
C CYS B 342 -4.29 30.05 3.59
N ALA B 343 -4.42 29.78 4.89
CA ALA B 343 -3.75 30.49 5.95
C ALA B 343 -2.22 30.38 5.81
N PHE B 344 -1.69 29.23 5.32
CA PHE B 344 -0.26 28.98 5.12
C PHE B 344 0.18 29.38 3.70
N LEU B 345 -0.79 29.44 2.78
CA LEU B 345 -0.57 29.68 1.37
C LEU B 345 -1.01 31.10 0.99
N THR B 346 -0.38 32.04 1.66
CA THR B 346 -0.61 33.47 1.61
C THR B 346 0.75 34.13 1.73
N ASP B 347 0.85 35.46 1.52
CA ASP B 347 2.12 36.23 1.67
C ASP B 347 2.59 36.15 3.13
N ARG B 348 3.93 36.11 3.35
CA ARG B 348 4.50 35.92 4.69
C ARG B 348 3.96 36.92 5.73
N GLU B 349 3.61 38.13 5.27
CA GLU B 349 3.08 39.24 6.05
C GLU B 349 1.75 38.90 6.74
N VAL B 350 0.88 38.06 6.13
CA VAL B 350 -0.45 37.65 6.67
C VAL B 350 -0.58 36.11 6.99
N ARG B 351 0.54 35.40 7.14
CA ARG B 351 0.58 33.97 7.33
C ARG B 351 0.40 33.45 8.74
N LEU B 352 -0.36 32.34 8.88
CA LEU B 352 -0.58 31.67 10.16
C LEU B 352 0.77 31.07 10.56
N GLY B 353 1.31 31.54 11.68
CA GLY B 353 2.62 31.13 12.18
C GLY B 353 3.63 32.25 12.30
N ARG B 354 3.27 33.46 11.77
CA ARG B 354 4.12 34.67 11.84
C ARG B 354 4.31 35.11 13.29
N ASN B 355 3.23 34.99 14.09
CA ASN B 355 3.17 35.36 15.50
C ASN B 355 3.47 34.17 16.45
N GLY B 356 4.03 33.08 15.91
CA GLY B 356 4.36 31.90 16.70
C GLY B 356 3.60 30.63 16.35
N VAL B 357 4.17 29.49 16.76
CA VAL B 357 3.60 28.16 16.51
C VAL B 357 2.25 27.92 17.20
N GLU B 358 1.96 28.63 18.30
CA GLU B 358 0.72 28.45 19.06
C GLU B 358 -0.50 28.94 18.30
N GLU B 359 -0.30 29.89 17.37
CA GLU B 359 -1.32 30.42 16.47
C GLU B 359 -1.72 29.25 15.56
N ILE B 360 -0.71 28.43 15.13
CA ILE B 360 -0.87 27.23 14.29
C ILE B 360 -1.65 26.20 15.10
N LYS B 361 -1.03 25.69 16.19
CA LYS B 361 -1.57 24.69 17.11
C LYS B 361 -3.05 24.93 17.50
N ARG B 362 -3.45 26.18 17.77
CA ARG B 362 -4.84 26.52 18.14
C ARG B 362 -5.86 26.41 17.00
N HIS B 363 -5.40 26.22 15.71
CA HIS B 363 -6.28 26.16 14.53
C HIS B 363 -7.38 25.12 14.63
N LEU B 364 -8.58 25.45 14.12
CA LEU B 364 -9.76 24.58 14.18
C LEU B 364 -9.57 23.20 13.60
N PHE B 365 -8.71 23.10 12.57
CA PHE B 365 -8.39 21.85 11.89
C PHE B 365 -7.87 20.80 12.86
N PHE B 366 -6.98 21.21 13.80
CA PHE B 366 -6.36 20.32 14.77
C PHE B 366 -7.26 19.89 15.93
N LYS B 367 -8.53 20.36 15.97
CA LYS B 367 -9.44 19.98 17.06
C LYS B 367 -9.87 18.51 16.89
N ASN B 368 -9.42 17.63 17.81
CA ASN B 368 -9.72 16.21 17.73
C ASN B 368 -9.72 15.50 19.10
N ASP B 369 -10.38 14.32 19.15
CA ASP B 369 -10.49 13.45 20.34
C ASP B 369 -9.40 12.37 20.39
N GLN B 370 -8.84 11.98 19.23
CA GLN B 370 -7.84 10.91 19.15
C GLN B 370 -6.43 11.30 19.69
N TRP B 371 -6.10 12.61 19.81
CA TRP B 371 -4.80 13.07 20.35
C TRP B 371 -4.80 14.52 20.87
N ALA B 372 -3.81 14.81 21.75
CA ALA B 372 -3.57 16.12 22.34
C ALA B 372 -2.09 16.45 22.15
N TRP B 373 -1.79 17.60 21.50
CA TRP B 373 -0.44 18.08 21.13
C TRP B 373 0.72 17.65 22.03
N GLU B 374 0.56 17.74 23.36
CA GLU B 374 1.65 17.45 24.30
C GLU B 374 1.97 15.95 24.46
N THR B 375 1.06 15.09 24.02
CA THR B 375 1.24 13.65 24.11
C THR B 375 0.96 12.99 22.71
N LEU B 376 1.22 13.76 21.60
CA LEU B 376 0.97 13.31 20.22
C LEU B 376 1.83 12.13 19.82
N ARG B 377 3.16 12.24 19.95
CA ARG B 377 4.13 11.19 19.62
C ARG B 377 3.89 9.96 20.48
N ASP B 378 3.09 10.12 21.55
CA ASP B 378 2.75 9.06 22.46
C ASP B 378 1.59 8.23 21.96
N THR B 379 0.69 8.80 21.10
CA THR B 379 -0.47 8.05 20.58
C THR B 379 -0.05 7.07 19.48
N VAL B 380 -0.92 6.11 19.15
CA VAL B 380 -0.64 5.11 18.11
C VAL B 380 -0.82 5.79 16.71
N ALA B 381 0.23 5.68 15.87
CA ALA B 381 0.29 6.27 14.53
C ALA B 381 -0.71 5.62 13.52
N PRO B 382 -1.26 6.35 12.49
CA PRO B 382 -2.22 5.72 11.55
C PRO B 382 -1.70 4.53 10.76
N VAL B 383 -0.39 4.49 10.49
CA VAL B 383 0.28 3.40 9.77
C VAL B 383 1.47 2.98 10.61
N VAL B 384 1.51 1.71 11.03
CA VAL B 384 2.57 1.13 11.86
C VAL B 384 3.26 0.02 11.04
N PRO B 385 4.57 0.15 10.72
CA PRO B 385 5.23 -0.88 9.90
C PRO B 385 5.19 -2.30 10.49
N ASP B 386 4.96 -3.30 9.61
CA ASP B 386 4.92 -4.75 9.90
C ASP B 386 6.23 -5.28 9.34
N LEU B 387 7.28 -5.30 10.18
CA LEU B 387 8.63 -5.63 9.71
C LEU B 387 9.04 -7.05 9.94
N SER B 388 9.76 -7.60 8.94
CA SER B 388 10.25 -8.97 8.95
C SER B 388 11.45 -9.13 9.85
N SER B 389 12.50 -8.31 9.63
CA SER B 389 13.75 -8.35 10.39
C SER B 389 14.33 -6.97 10.61
N ASP B 390 15.54 -6.90 11.21
CA ASP B 390 16.27 -5.66 11.42
C ASP B 390 16.67 -5.02 10.05
N ILE B 391 17.07 -5.84 9.06
CA ILE B 391 17.44 -5.35 7.73
C ILE B 391 16.24 -5.36 6.71
N ASP B 392 14.99 -5.12 7.21
CA ASP B 392 13.81 -5.07 6.32
C ASP B 392 13.69 -3.72 5.59
N THR B 393 13.67 -3.74 4.23
CA THR B 393 13.53 -2.49 3.47
C THR B 393 12.25 -2.46 2.59
N SER B 394 11.15 -3.12 3.05
CA SER B 394 9.88 -3.21 2.32
C SER B 394 9.27 -1.83 1.92
N ASN B 395 9.47 -0.81 2.79
CA ASN B 395 8.96 0.55 2.63
C ASN B 395 9.90 1.50 1.87
N PHE B 396 11.00 0.98 1.30
CA PHE B 396 11.96 1.75 0.50
C PHE B 396 12.09 1.17 -0.92
N ASP B 397 11.95 2.02 -1.96
CA ASP B 397 12.10 1.56 -3.36
C ASP B 397 13.41 0.84 -3.60
N ASP B 398 13.39 -0.16 -4.50
CA ASP B 398 14.61 -0.91 -4.75
C ASP B 398 15.60 -0.10 -5.57
N LEU B 399 16.88 -0.08 -5.13
CA LEU B 399 17.90 0.66 -5.83
C LEU B 399 19.18 -0.13 -6.08
N GLU B 400 19.92 0.28 -7.14
CA GLU B 400 21.18 -0.26 -7.65
C GLU B 400 22.26 -0.30 -6.56
N GLU B 407 35.34 10.88 -11.72
CA GLU B 407 35.14 10.11 -10.48
C GLU B 407 36.50 9.81 -9.81
N THR B 408 37.28 10.90 -9.57
CA THR B 408 38.62 10.91 -8.94
C THR B 408 39.21 12.33 -8.84
N PHE B 409 40.13 12.56 -7.88
CA PHE B 409 40.89 13.80 -7.73
C PHE B 409 42.14 13.64 -8.64
N PRO B 410 42.54 14.68 -9.40
CA PRO B 410 43.70 14.53 -10.28
C PRO B 410 45.06 14.80 -9.61
N ILE B 411 46.01 13.84 -9.74
CA ILE B 411 47.39 13.89 -9.20
C ILE B 411 48.00 15.27 -9.53
N PRO B 412 48.29 16.14 -8.53
CA PRO B 412 48.69 17.51 -8.84
C PRO B 412 50.19 17.81 -8.84
N LYS B 413 50.53 19.06 -9.21
CA LYS B 413 51.90 19.57 -9.23
C LYS B 413 52.14 20.38 -7.95
N ALA B 414 51.39 21.50 -7.78
CA ALA B 414 51.49 22.35 -6.59
C ALA B 414 50.54 21.91 -5.47
N PHE B 415 50.70 22.48 -4.26
CA PHE B 415 49.82 22.19 -3.14
C PHE B 415 48.48 22.76 -3.49
N VAL B 416 47.52 21.85 -3.64
CA VAL B 416 46.15 22.12 -4.03
C VAL B 416 45.26 22.30 -2.76
N GLY B 417 45.48 21.44 -1.76
CA GLY B 417 44.77 21.46 -0.49
C GLY B 417 43.32 21.04 -0.60
N ASN B 418 43.08 19.87 -1.22
CA ASN B 418 41.76 19.31 -1.48
C ASN B 418 41.00 18.84 -0.25
N GLN B 419 41.73 18.25 0.72
CA GLN B 419 41.16 17.69 1.94
C GLN B 419 40.77 18.72 2.98
N LEU B 420 41.31 19.94 2.88
CA LEU B 420 41.10 21.04 3.82
C LEU B 420 39.62 21.38 4.10
N PRO B 421 38.65 21.36 3.14
CA PRO B 421 37.27 21.72 3.53
C PRO B 421 36.52 20.68 4.39
N PHE B 422 37.13 19.50 4.55
CA PHE B 422 36.57 18.39 5.31
C PHE B 422 37.23 18.18 6.67
N VAL B 423 38.14 19.09 7.05
CA VAL B 423 38.87 19.05 8.31
C VAL B 423 37.89 19.43 9.40
N GLY B 424 37.63 18.49 10.30
CA GLY B 424 36.72 18.69 11.41
C GLY B 424 35.37 18.03 11.23
N PHE B 425 35.23 17.22 10.17
CA PHE B 425 33.97 16.51 9.94
C PHE B 425 33.71 15.41 10.97
N THR B 426 34.75 14.63 11.33
CA THR B 426 34.67 13.53 12.30
C THR B 426 34.00 13.92 13.62
N TYR B 427 33.12 13.03 14.09
CA TYR B 427 32.35 13.13 15.34
C TYR B 427 31.99 11.72 15.79
N TYR B 428 32.24 11.40 17.07
CA TYR B 428 31.93 10.11 17.69
C TYR B 428 30.96 10.27 18.89
N SER B 429 30.61 9.15 19.58
CA SER B 429 29.72 9.13 20.80
C SER B 429 29.69 7.78 21.52
N1 J0P C . -7.94 -14.71 -4.44
C4 J0P C . -15.39 -22.92 -0.22
C5 J0P C . -16.58 -23.67 -0.27
C6 J0P C . -17.81 -23.00 -0.38
C7 J0P C . -17.89 -21.60 -0.47
C8 J0P C . -20.27 -21.77 -0.85
C10 J0P C . -14.14 -17.57 -2.54
C13 J0P C . -11.70 -16.41 -3.22
C15 J0P C . -13.37 -16.95 -1.53
C17 J0P C . -10.24 -15.32 -4.93
C20 J0P C . -9.34 -15.69 -2.72
O J0P C . -16.42 -17.92 -3.02
C J0P C . -15.50 -18.09 -2.24
C14 J0P C . -12.15 -16.36 -1.88
C16 J0P C . -10.41 -15.79 -3.61
C19 J0P C . -8.14 -15.15 -3.17
C18 J0P C . -8.99 -14.81 -5.29
C12 J0P C . -12.47 -17.07 -4.20
C11 J0P C . -13.69 -17.63 -3.85
N J0P C . -15.65 -18.73 -1.02
C1 J0P C . -16.89 -19.33 -0.56
C2 J0P C . -16.71 -20.82 -0.42
O1 J0P C . -19.11 -20.96 -0.68
C9 J0P C . -20.12 -23.00 0.04
O2 J0P C . -18.97 -23.74 -0.36
C3 J0P C . -15.45 -21.51 -0.27
S SO4 D . -3.03 -21.67 -19.82
O1 SO4 D . -3.52 -20.68 -18.84
O2 SO4 D . -2.87 -22.96 -19.19
O3 SO4 D . -1.72 -21.30 -20.31
O4 SO4 D . -3.98 -21.76 -20.93
N1 J0P E . 16.61 5.96 7.76
C4 J0P E . 22.63 11.27 -0.43
C5 J0P E . 23.44 12.25 -1.03
C6 J0P E . 22.92 13.55 -1.25
C7 J0P E . 21.60 13.89 -0.87
C8 J0P E . 21.93 16.11 -1.65
C10 J0P E . 18.57 11.28 3.41
C13 J0P E . 17.75 9.12 5.01
C15 J0P E . 19.33 10.91 4.52
C17 J0P E . 17.53 8.16 7.33
C20 J0P E . 16.65 6.88 5.49
O J0P E . 19.66 13.41 3.12
C J0P E . 19.10 12.46 2.59
C14 J0P E . 18.94 9.83 5.30
C16 J0P E . 17.26 8.06 5.95
C19 J0P E . 16.37 5.87 6.43
C18 J0P E . 17.16 7.11 8.19
C12 J0P E . 17.03 9.46 3.85
C11 J0P E . 17.42 10.54 3.06
N J0P E . 18.91 12.39 1.20
C1 J0P E . 19.42 13.37 0.28
C2 J0P E . 20.77 12.93 -0.24
O1 J0P E . 21.07 15.15 -1.07
C9 J0P E . 23.43 15.80 -1.39
O2 J0P E . 23.75 14.49 -1.83
C3 J0P E . 21.30 11.60 -0.05
#